data_2LDB
#
_entry.id   2LDB
#
_cell.length_a   86.800
_cell.length_b   86.800
_cell.length_c   356.600
_cell.angle_alpha   90.00
_cell.angle_beta   90.00
_cell.angle_gamma   120.00
#
_symmetry.space_group_name_H-M   'P 61'
#
loop_
_entity.id
_entity.type
_entity.pdbx_description
1 polymer 'L-LACTATE DEHYDROGENASE'
2 non-polymer 'SULFATE ION'
3 non-polymer NICOTINAMIDE-ADENINE-DINUCLEOTIDE
4 non-polymer 1,6-di-O-phosphono-beta-D-fructofuranose
5 water water
#
_entity_poly.entity_id   1
_entity_poly.type   'polypeptide(L)'
_entity_poly.pdbx_seq_one_letter_code
;MKNNGGARVVVIGAGFVGASYVFALMNQGIADEIVLIDANESKAIGDAMDFNHGKVFAPKPVDIWHGDYDDCRDADLVVI
CAGANQKPGETRLDLVDKNIAIFRSIVESVMASGFQGLFLVATNPVDILTYATWKFSGLPHERVIGSGTILDTARFRFLL
GEYFSVAPQNVHAYIIGEHGDTELPVWSQAYIGVMPIRKLVESKGEEAQKDLERIFVNVRDAAYQIIEKKGATYYGIAMG
LARVTRAILHNENAILTVSAYLDGLYGERDVYIGVPAVINRNGIREVIEIELNDDEKNRFHHSAATLKSVLARAFTR
;
_entity_poly.pdbx_strand_id   A,B,C,D
#
# COMPACT_ATOMS: atom_id res chain seq x y z
N MET A 1 -11.26 -26.83 4.66
CA MET A 1 -10.19 -27.83 4.90
C MET A 1 -9.62 -27.64 6.31
N LYS A 2 -8.43 -27.10 6.37
CA LYS A 2 -7.73 -26.74 7.60
C LYS A 2 -7.73 -25.22 7.74
N ASN A 3 -6.53 -24.69 7.85
CA ASN A 3 -6.27 -23.24 7.66
C ASN A 3 -5.09 -23.21 6.66
N ASN A 4 -5.41 -22.81 5.46
CA ASN A 4 -4.50 -22.80 4.31
C ASN A 4 -3.33 -21.81 4.48
N GLY A 5 -2.70 -21.61 3.30
CA GLY A 5 -1.58 -20.67 3.22
C GLY A 5 -0.74 -20.87 1.96
N GLY A 6 -1.20 -20.20 0.91
CA GLY A 6 -0.62 -20.26 -0.42
C GLY A 6 0.62 -19.38 -0.64
N ALA A 7 1.01 -18.61 0.37
CA ALA A 7 2.22 -17.76 0.14
C ALA A 7 3.14 -17.89 1.33
N ARG A 8 3.93 -18.95 1.35
CA ARG A 8 4.83 -19.13 2.51
C ARG A 8 6.29 -18.92 2.20
N VAL A 9 7.03 -18.43 3.19
CA VAL A 9 8.42 -18.06 3.12
C VAL A 9 9.13 -18.54 4.41
N VAL A 10 10.14 -19.36 4.19
CA VAL A 10 11.04 -19.78 5.26
C VAL A 10 12.40 -19.07 5.10
N VAL A 11 12.85 -18.39 6.13
CA VAL A 11 14.16 -17.75 6.16
C VAL A 11 15.04 -18.67 7.01
N ILE A 12 16.13 -19.20 6.48
CA ILE A 12 17.09 -19.92 7.38
C ILE A 12 18.11 -18.83 7.72
N GLY A 13 18.22 -18.49 8.97
CA GLY A 13 19.11 -17.40 9.39
C GLY A 13 18.28 -16.09 9.53
N ALA A 14 18.10 -15.83 10.81
CA ALA A 14 17.32 -14.78 11.41
C ALA A 14 18.30 -13.89 12.17
N GLY A 15 19.29 -13.44 11.45
CA GLY A 15 20.33 -12.52 11.96
C GLY A 15 19.82 -11.16 11.42
N PHE A 16 20.73 -10.24 11.28
CA PHE A 16 20.53 -8.88 10.82
C PHE A 16 19.80 -8.83 9.49
N VAL A 17 20.35 -9.65 8.59
CA VAL A 17 19.83 -9.69 7.21
C VAL A 17 18.48 -10.40 7.16
N GLY A 18 18.36 -11.48 7.87
CA GLY A 18 17.19 -12.32 7.94
C GLY A 18 16.02 -11.57 8.56
N ALA A 19 16.20 -11.05 9.74
CA ALA A 19 15.23 -10.29 10.50
C ALA A 19 14.76 -8.99 9.86
N SER A 20 15.68 -8.26 9.25
CA SER A 20 15.38 -6.97 8.62
C SER A 20 14.60 -7.17 7.33
N TYR A 21 14.79 -8.36 6.78
CA TYR A 21 14.12 -8.87 5.59
C TYR A 21 12.65 -9.17 5.89
N VAL A 22 12.55 -10.00 6.94
CA VAL A 22 11.26 -10.30 7.56
C VAL A 22 10.54 -8.96 7.82
N PHE A 23 11.16 -8.12 8.63
CA PHE A 23 10.41 -6.87 9.00
C PHE A 23 10.02 -6.14 7.73
N ALA A 24 10.83 -6.34 6.70
CA ALA A 24 10.58 -5.73 5.39
C ALA A 24 9.24 -6.21 4.78
N LEU A 25 9.13 -7.53 4.77
CA LEU A 25 8.02 -8.29 4.19
C LEU A 25 6.71 -7.79 4.81
N MET A 26 6.58 -8.16 6.05
CA MET A 26 5.57 -7.73 6.97
C MET A 26 5.19 -6.26 6.87
N ASN A 27 6.14 -5.37 7.07
CA ASN A 27 5.80 -3.96 6.91
C ASN A 27 5.31 -3.69 5.50
N GLN A 28 5.49 -4.61 4.58
CA GLN A 28 5.16 -4.37 3.17
C GLN A 28 4.00 -5.23 2.71
N GLY A 29 3.45 -6.08 3.50
CA GLY A 29 2.21 -6.82 3.22
C GLY A 29 2.50 -7.82 2.09
N ILE A 30 3.71 -8.41 2.06
CA ILE A 30 4.09 -9.28 0.96
C ILE A 30 3.76 -10.74 1.16
N ALA A 31 4.41 -11.47 2.05
CA ALA A 31 4.03 -12.93 2.11
C ALA A 31 2.75 -12.99 2.95
N ASP A 32 2.32 -14.20 3.17
CA ASP A 32 1.12 -14.58 3.91
C ASP A 32 1.47 -15.29 5.24
N GLU A 33 2.24 -16.36 5.11
CA GLU A 33 2.80 -17.03 6.31
C GLU A 33 4.31 -16.89 6.16
N ILE A 34 5.02 -16.51 7.21
CA ILE A 34 6.47 -16.42 7.28
C ILE A 34 7.00 -17.27 8.46
N VAL A 35 7.59 -18.39 8.15
CA VAL A 35 8.31 -19.26 9.10
C VAL A 35 9.72 -18.60 9.25
N LEU A 36 10.36 -18.87 10.35
CA LEU A 36 11.70 -18.36 10.63
C LEU A 36 12.49 -19.43 11.36
N ILE A 37 13.55 -19.96 10.93
CA ILE A 37 14.46 -20.96 11.37
C ILE A 37 15.87 -20.37 11.60
N ASP A 38 16.53 -20.82 12.65
CA ASP A 38 17.92 -20.39 12.95
C ASP A 38 18.61 -21.44 13.80
N ALA A 39 19.87 -21.76 13.56
CA ALA A 39 20.55 -22.71 14.46
C ALA A 39 20.34 -22.19 15.90
N ASN A 40 20.24 -20.88 15.99
CA ASN A 40 20.11 -20.21 17.31
C ASN A 40 18.62 -20.10 17.56
N GLU A 41 18.01 -21.21 17.92
CA GLU A 41 16.54 -21.24 18.06
C GLU A 41 16.00 -20.14 18.95
N SER A 42 16.70 -19.75 20.00
CA SER A 42 16.32 -18.74 20.98
C SER A 42 16.16 -17.35 20.38
N LYS A 43 17.00 -17.05 19.42
CA LYS A 43 16.95 -15.81 18.61
C LYS A 43 15.73 -15.82 17.71
N ALA A 44 15.33 -16.93 17.16
CA ALA A 44 14.07 -17.08 16.42
C ALA A 44 12.77 -16.87 17.20
N ILE A 45 12.80 -17.42 18.42
CA ILE A 45 11.71 -17.28 19.37
C ILE A 45 11.53 -15.79 19.61
N GLY A 46 12.57 -15.13 20.11
CA GLY A 46 12.57 -13.68 20.32
C GLY A 46 12.15 -12.86 19.12
N ASP A 47 12.73 -13.13 17.95
CA ASP A 47 12.36 -12.31 16.78
C ASP A 47 10.86 -12.46 16.53
N ALA A 48 10.45 -13.72 16.57
CA ALA A 48 9.04 -14.08 16.20
C ALA A 48 8.04 -13.50 17.19
N MET A 49 8.40 -13.41 18.45
CA MET A 49 7.59 -12.73 19.47
C MET A 49 7.45 -11.29 18.99
N ASP A 50 8.56 -10.65 19.04
CA ASP A 50 8.70 -9.23 18.64
C ASP A 50 7.83 -8.93 17.46
N PHE A 51 8.02 -9.64 16.37
CA PHE A 51 7.22 -9.46 15.13
C PHE A 51 5.72 -9.59 15.46
N ASN A 52 5.33 -10.67 16.14
CA ASN A 52 3.92 -10.89 16.43
C ASN A 52 3.32 -9.78 17.30
N HIS A 53 4.03 -9.11 18.17
CA HIS A 53 3.33 -8.03 18.92
C HIS A 53 3.07 -6.82 18.05
N GLY A 54 3.81 -6.55 16.98
CA GLY A 54 3.49 -5.31 16.24
C GLY A 54 2.45 -5.51 15.17
N LYS A 55 2.34 -6.73 14.71
CA LYS A 55 1.47 -7.27 13.67
C LYS A 55 0.27 -6.38 13.31
N VAL A 56 -0.65 -6.32 14.27
CA VAL A 56 -1.90 -5.60 14.29
C VAL A 56 -2.01 -4.23 13.62
N PHE A 57 -0.87 -3.60 13.64
CA PHE A 57 -0.46 -2.34 13.14
C PHE A 57 -0.10 -2.35 11.64
N ALA A 58 0.34 -3.55 11.22
CA ALA A 58 0.64 -3.76 9.76
C ALA A 58 -0.63 -4.36 9.16
N PRO A 59 -0.55 -4.77 7.89
CA PRO A 59 -1.70 -5.41 7.22
C PRO A 59 -1.77 -6.92 6.97
N LYS A 60 -1.49 -7.80 7.92
CA LYS A 60 -1.94 -9.18 7.97
C LYS A 60 -1.11 -10.40 7.64
N PRO A 61 -0.03 -10.75 8.33
CA PRO A 61 0.83 -11.85 7.85
C PRO A 61 0.95 -12.83 8.99
N VAL A 62 1.54 -13.96 8.77
CA VAL A 62 1.65 -14.87 9.96
C VAL A 62 3.11 -15.27 10.07
N ASP A 63 3.51 -15.48 11.32
CA ASP A 63 4.92 -15.58 11.74
C ASP A 63 4.96 -16.65 12.84
N ILE A 64 5.79 -17.60 12.61
CA ILE A 64 5.82 -18.88 13.32
C ILE A 64 7.34 -18.92 13.57
N TRP A 65 7.81 -19.78 14.43
CA TRP A 65 9.21 -20.28 14.21
C TRP A 65 9.07 -21.81 14.18
N ASP A 68 11.44 -27.02 12.92
CA ASP A 68 12.29 -27.27 11.81
C ASP A 68 11.68 -27.14 10.40
N TYR A 69 12.59 -27.76 9.59
CA TYR A 69 12.54 -27.73 8.15
C TYR A 69 11.25 -28.32 7.65
N ASP A 70 10.56 -29.00 8.55
CA ASP A 70 9.27 -29.64 8.16
C ASP A 70 8.35 -28.52 7.73
N ASP A 71 8.81 -27.27 7.83
CA ASP A 71 7.89 -26.20 7.38
C ASP A 71 8.04 -26.04 5.87
N CYS A 72 9.11 -26.59 5.34
CA CYS A 72 9.49 -26.46 3.93
C CYS A 72 8.88 -27.63 3.13
N ARG A 73 7.60 -27.50 2.85
CA ARG A 73 6.83 -28.63 2.25
C ARG A 73 5.42 -28.10 2.01
N ASP A 74 5.42 -27.30 0.93
CA ASP A 74 4.24 -26.50 0.54
C ASP A 74 4.54 -25.06 0.94
N ALA A 75 5.83 -24.92 1.17
CA ALA A 75 6.50 -23.65 1.53
C ALA A 75 6.90 -23.12 0.17
N ASP A 76 6.26 -22.09 -0.31
CA ASP A 76 6.54 -21.54 -1.63
C ASP A 76 8.00 -21.19 -1.89
N LEU A 77 8.73 -20.74 -0.91
CA LEU A 77 10.14 -20.30 -1.15
C LEU A 77 10.91 -20.28 0.16
N VAL A 78 12.19 -20.52 0.10
CA VAL A 78 13.16 -20.61 1.17
C VAL A 78 14.31 -19.61 1.01
N VAL A 79 14.47 -18.67 1.89
CA VAL A 79 15.54 -17.65 1.67
C VAL A 79 16.71 -17.94 2.55
N ILE A 80 17.89 -18.25 2.07
CA ILE A 80 18.95 -18.64 3.07
C ILE A 80 19.81 -17.43 3.42
N CYS A 81 19.62 -17.03 4.67
CA CYS A 81 20.27 -15.86 5.25
C CYS A 81 21.33 -16.31 6.25
N ALA A 82 21.68 -17.59 6.23
CA ALA A 82 22.57 -18.22 7.22
C ALA A 82 24.02 -18.16 6.78
N GLY A 83 24.94 -18.06 7.76
CA GLY A 83 26.34 -17.93 7.46
C GLY A 83 27.41 -17.74 8.49
N ALA A 84 28.58 -18.27 8.18
CA ALA A 84 29.86 -18.03 8.81
C ALA A 84 30.25 -16.55 8.53
N LEU A 93 38.74 -18.57 1.34
CA LEU A 93 38.34 -19.89 0.85
C LEU A 93 38.10 -20.74 2.11
N ASP A 94 38.50 -20.23 3.24
CA ASP A 94 38.24 -20.89 4.54
C ASP A 94 37.00 -20.18 5.11
N LEU A 95 36.22 -19.78 4.12
CA LEU A 95 34.94 -19.12 4.22
C LEU A 95 33.96 -19.90 3.32
N VAL A 96 34.39 -19.85 2.09
CA VAL A 96 33.79 -20.63 1.00
C VAL A 96 33.71 -22.07 1.46
N ASP A 97 34.67 -22.49 2.32
CA ASP A 97 34.66 -23.91 2.76
C ASP A 97 33.78 -23.95 4.04
N LYS A 98 33.76 -22.84 4.77
CA LYS A 98 32.90 -22.85 6.00
C LYS A 98 31.42 -22.91 5.67
N ASN A 99 30.96 -21.94 4.91
CA ASN A 99 29.60 -21.77 4.41
C ASN A 99 29.14 -22.90 3.51
N ILE A 100 30.07 -23.35 2.66
CA ILE A 100 29.66 -24.49 1.78
C ILE A 100 29.21 -25.59 2.74
N ALA A 101 30.07 -25.66 3.73
CA ALA A 101 29.93 -26.61 4.84
C ALA A 101 28.57 -26.46 5.52
N ILE A 102 28.28 -25.25 5.96
CA ILE A 102 27.06 -24.84 6.65
C ILE A 102 25.84 -25.22 5.78
N PHE A 103 25.88 -24.64 4.60
CA PHE A 103 24.99 -24.73 3.49
C PHE A 103 24.62 -26.16 3.12
N ARG A 104 25.66 -27.01 3.16
CA ARG A 104 25.55 -28.40 2.74
C ARG A 104 24.55 -29.09 3.64
N SER A 105 24.50 -28.65 4.89
CA SER A 105 23.39 -29.17 5.75
C SER A 105 22.06 -28.48 5.56
N ILE A 106 22.04 -27.20 5.20
CA ILE A 106 20.77 -26.49 5.10
C ILE A 106 19.93 -27.13 3.99
N VAL A 107 20.55 -27.23 2.81
CA VAL A 107 19.74 -27.59 1.62
C VAL A 107 19.14 -28.98 1.89
N GLU A 108 20.11 -29.89 2.12
CA GLU A 108 19.85 -31.30 2.42
C GLU A 108 18.63 -31.33 3.34
N SER A 109 18.80 -30.67 4.48
CA SER A 109 17.73 -30.67 5.50
C SER A 109 16.39 -30.27 4.92
N VAL A 110 16.31 -29.28 4.07
CA VAL A 110 15.04 -28.71 3.61
C VAL A 110 14.51 -29.59 2.46
N MET A 111 15.50 -30.13 1.77
CA MET A 111 15.26 -30.99 0.60
C MET A 111 14.61 -32.26 1.18
N ALA A 112 15.18 -32.66 2.31
CA ALA A 112 14.71 -33.90 2.97
C ALA A 112 13.33 -33.72 3.58
N SER A 113 12.63 -32.67 3.27
CA SER A 113 11.30 -32.42 3.81
C SER A 113 10.29 -32.54 2.67
N GLY A 114 10.86 -32.80 1.49
CA GLY A 114 10.08 -32.89 0.24
C GLY A 114 9.74 -31.48 -0.27
N PHE A 115 10.69 -30.59 -0.11
CA PHE A 115 10.55 -29.23 -0.68
C PHE A 115 10.30 -29.40 -2.18
N GLN A 116 9.51 -28.50 -2.73
CA GLN A 116 9.28 -28.41 -4.16
C GLN A 116 9.43 -26.96 -4.67
N GLY A 117 10.04 -26.02 -4.02
CA GLY A 117 9.88 -24.62 -4.40
C GLY A 117 11.05 -23.90 -4.99
N LEU A 118 11.26 -22.67 -4.51
CA LEU A 118 12.43 -21.89 -4.97
C LEU A 118 13.41 -21.56 -3.84
N PHE A 119 14.68 -21.42 -4.15
CA PHE A 119 15.70 -20.90 -3.23
C PHE A 119 16.12 -19.45 -3.52
N LEU A 120 16.23 -18.66 -2.43
CA LEU A 120 16.79 -17.29 -2.54
C LEU A 120 18.02 -17.25 -1.64
N VAL A 121 19.17 -17.29 -2.29
CA VAL A 121 20.44 -17.24 -1.49
C VAL A 121 20.86 -15.77 -1.39
N ALA A 122 21.18 -15.33 -0.20
CA ALA A 122 21.76 -14.00 0.02
C ALA A 122 23.04 -13.97 0.82
N THR A 123 23.61 -15.06 1.21
CA THR A 123 24.79 -15.24 2.06
C THR A 123 26.05 -14.99 1.28
N ASN A 124 27.09 -14.35 1.80
CA ASN A 124 28.33 -14.26 0.91
C ASN A 124 29.11 -15.57 1.06
N PRO A 125 29.87 -15.99 0.06
CA PRO A 125 29.98 -15.24 -1.24
C PRO A 125 28.86 -15.71 -2.14
N VAL A 126 27.81 -14.94 -2.37
CA VAL A 126 26.58 -15.36 -3.00
C VAL A 126 26.63 -16.13 -4.28
N ASP A 127 27.42 -15.75 -5.27
CA ASP A 127 27.32 -16.39 -6.63
C ASP A 127 27.75 -17.84 -6.39
N ILE A 128 28.66 -17.96 -5.45
CA ILE A 128 29.30 -19.23 -5.16
C ILE A 128 28.34 -20.10 -4.31
N LEU A 129 27.76 -19.45 -3.31
CA LEU A 129 26.87 -20.18 -2.39
C LEU A 129 25.59 -20.46 -3.15
N THR A 130 25.38 -19.61 -4.15
CA THR A 130 24.22 -19.85 -5.01
C THR A 130 24.50 -21.06 -5.89
N TYR A 131 25.75 -21.22 -6.32
CA TYR A 131 26.02 -22.36 -7.24
C TYR A 131 25.83 -23.68 -6.48
N ALA A 132 26.31 -23.63 -5.23
CA ALA A 132 26.47 -24.73 -4.29
C ALA A 132 25.11 -25.23 -3.85
N THR A 133 24.19 -24.27 -3.84
CA THR A 133 22.83 -24.47 -3.31
C THR A 133 22.12 -25.26 -4.38
N TRP A 134 22.52 -25.06 -5.60
CA TRP A 134 21.95 -25.76 -6.77
C TRP A 134 22.45 -27.19 -6.85
N LYS A 135 23.78 -27.28 -6.79
CA LYS A 135 24.44 -28.61 -6.82
C LYS A 135 23.81 -29.41 -5.68
N PHE A 136 23.80 -28.84 -4.49
CA PHE A 136 23.16 -29.49 -3.37
C PHE A 136 21.66 -29.60 -3.51
N SER A 137 20.98 -28.84 -4.32
CA SER A 137 19.50 -28.86 -4.25
C SER A 137 19.01 -30.06 -5.07
N GLY A 138 19.67 -30.15 -6.22
CA GLY A 138 19.23 -31.08 -7.30
C GLY A 138 18.50 -30.19 -8.33
N LEU A 139 17.70 -29.32 -7.73
CA LEU A 139 16.89 -28.38 -8.47
C LEU A 139 17.47 -27.76 -9.73
N PRO A 140 16.56 -27.68 -10.70
CA PRO A 140 16.81 -26.88 -11.91
C PRO A 140 17.32 -25.50 -11.48
N HIS A 141 18.29 -25.02 -12.22
CA HIS A 141 18.93 -23.74 -12.08
C HIS A 141 18.02 -22.58 -12.44
N GLU A 142 16.72 -22.79 -12.64
CA GLU A 142 15.83 -21.62 -12.94
C GLU A 142 15.07 -21.34 -11.64
N ARG A 143 15.23 -22.32 -10.74
CA ARG A 143 14.56 -22.24 -9.43
C ARG A 143 15.53 -21.99 -8.28
N VAL A 144 16.81 -21.83 -8.59
CA VAL A 144 17.79 -21.45 -7.57
C VAL A 144 18.39 -20.10 -7.97
N ILE A 145 17.96 -19.08 -7.27
CA ILE A 145 18.24 -17.69 -7.45
C ILE A 145 19.19 -17.14 -6.38
N GLY A 146 20.27 -16.50 -6.91
CA GLY A 146 21.11 -15.61 -6.14
C GLY A 146 20.59 -14.17 -6.06
N SER A 147 20.89 -13.63 -4.88
CA SER A 147 20.76 -12.18 -4.54
C SER A 147 21.52 -11.34 -5.55
N GLY A 148 22.73 -11.79 -5.92
CA GLY A 148 23.64 -11.23 -6.85
C GLY A 148 23.90 -9.75 -6.89
N THR A 149 23.84 -9.10 -8.02
CA THR A 149 24.31 -7.68 -8.06
C THR A 149 23.14 -6.74 -7.86
N ILE A 150 22.12 -7.20 -7.12
CA ILE A 150 20.87 -6.40 -7.00
C ILE A 150 21.12 -5.15 -6.19
N LEU A 151 21.75 -5.29 -5.10
CA LEU A 151 21.99 -4.11 -4.20
C LEU A 151 22.92 -3.15 -4.91
N ASP A 152 23.83 -3.70 -5.65
CA ASP A 152 24.91 -2.98 -6.35
C ASP A 152 24.30 -1.94 -7.33
N THR A 153 23.47 -2.34 -8.22
CA THR A 153 22.60 -1.73 -9.17
C THR A 153 21.69 -0.69 -8.53
N ALA A 154 21.22 -0.99 -7.31
CA ALA A 154 20.45 -0.04 -6.51
C ALA A 154 21.36 1.10 -6.01
N ARG A 155 22.55 0.75 -5.61
CA ARG A 155 23.47 1.69 -4.97
C ARG A 155 23.87 2.66 -6.07
N PHE A 156 23.78 2.07 -7.26
CA PHE A 156 24.37 2.69 -8.49
C PHE A 156 23.29 3.67 -8.96
N ARG A 157 22.14 3.06 -9.18
CA ARG A 157 20.92 3.80 -9.54
C ARG A 157 20.65 4.96 -8.61
N PHE A 158 20.68 4.76 -7.33
CA PHE A 158 20.73 5.77 -6.29
C PHE A 158 21.79 6.84 -6.50
N LEU A 159 23.07 6.68 -6.35
CA LEU A 159 24.10 7.66 -6.61
C LEU A 159 23.85 8.45 -7.88
N LEU A 160 23.56 7.81 -8.97
CA LEU A 160 23.38 8.48 -10.24
C LEU A 160 22.19 9.47 -10.18
N GLY A 161 21.10 8.89 -9.72
CA GLY A 161 19.78 9.51 -9.69
C GLY A 161 19.89 10.78 -8.81
N GLU A 162 20.76 10.58 -7.86
CA GLU A 162 21.12 11.52 -6.79
C GLU A 162 21.85 12.73 -7.40
N TYR A 163 22.73 12.37 -8.29
CA TYR A 163 23.55 13.19 -9.14
C TYR A 163 22.68 14.08 -10.04
N PHE A 164 21.93 13.40 -10.89
CA PHE A 164 21.06 13.95 -11.91
C PHE A 164 19.80 14.59 -11.32
N SER A 165 19.53 14.26 -10.08
CA SER A 165 18.40 14.98 -9.40
C SER A 165 17.04 14.38 -9.73
N VAL A 166 17.00 13.42 -10.63
CA VAL A 166 15.75 12.67 -10.92
C VAL A 166 15.65 11.65 -9.79
N ALA A 167 14.85 10.64 -10.01
CA ALA A 167 14.64 9.53 -9.06
C ALA A 167 15.36 8.30 -9.56
N PRO A 168 15.93 7.51 -8.67
CA PRO A 168 16.65 6.28 -9.05
C PRO A 168 15.84 5.37 -9.98
N GLN A 169 14.55 5.51 -9.87
CA GLN A 169 13.48 4.86 -10.57
C GLN A 169 13.41 5.29 -12.02
N ASN A 170 14.02 6.38 -12.43
CA ASN A 170 14.14 6.74 -13.87
C ASN A 170 15.56 6.43 -14.38
N VAL A 171 16.48 6.15 -13.45
CA VAL A 171 17.84 5.74 -13.89
C VAL A 171 17.77 4.28 -14.36
N HIS A 172 18.29 4.06 -15.58
CA HIS A 172 18.40 2.65 -16.03
C HIS A 172 19.85 2.34 -16.30
N ALA A 173 20.51 1.75 -15.29
CA ALA A 173 21.91 1.28 -15.37
C ALA A 173 22.10 0.00 -14.55
N TYR A 174 22.73 -1.08 -15.05
CA TYR A 174 23.03 -2.31 -14.41
C TYR A 174 24.49 -2.47 -13.95
N ILE A 175 24.64 -3.20 -12.83
CA ILE A 175 25.97 -3.69 -12.36
C ILE A 175 25.89 -5.20 -12.56
N ILE A 176 26.81 -5.79 -13.25
CA ILE A 176 26.72 -7.21 -13.71
C ILE A 176 28.03 -7.80 -13.23
N GLY A 177 28.21 -9.08 -13.29
CA GLY A 177 29.49 -9.70 -12.84
C GLY A 177 29.45 -10.15 -11.42
N GLU A 178 30.62 -10.31 -10.80
CA GLU A 178 30.66 -10.85 -9.42
C GLU A 178 30.14 -9.71 -8.50
N HIS A 179 29.17 -10.18 -7.66
CA HIS A 179 28.75 -9.21 -6.60
C HIS A 179 29.95 -9.21 -5.65
N GLY A 180 30.87 -8.34 -5.93
CA GLY A 180 32.12 -8.25 -5.19
C GLY A 180 33.04 -7.29 -5.97
N ASP A 181 34.34 -7.61 -5.82
CA ASP A 181 35.39 -6.83 -6.42
C ASP A 181 35.38 -6.82 -7.95
N THR A 182 35.10 -8.00 -8.52
CA THR A 182 35.26 -8.15 -9.96
C THR A 182 34.10 -7.58 -10.76
N GLU A 183 33.09 -7.09 -10.13
CA GLU A 183 31.87 -6.68 -10.89
C GLU A 183 32.18 -5.45 -11.74
N LEU A 184 31.35 -5.24 -12.74
CA LEU A 184 31.49 -4.08 -13.62
C LEU A 184 30.16 -3.40 -13.92
N PRO A 185 30.24 -2.09 -14.08
CA PRO A 185 29.09 -1.28 -14.50
C PRO A 185 29.02 -1.34 -16.03
N VAL A 186 27.86 -1.70 -16.53
CA VAL A 186 27.54 -1.66 -17.97
C VAL A 186 27.23 -0.20 -18.29
N TRP A 187 28.25 0.60 -18.53
CA TRP A 187 28.08 2.01 -18.92
C TRP A 187 27.51 2.15 -20.33
N SER A 188 28.01 1.36 -21.26
CA SER A 188 27.63 1.40 -22.67
C SER A 188 26.10 1.46 -22.78
N GLN A 189 25.42 0.71 -21.95
CA GLN A 189 23.94 0.70 -22.00
C GLN A 189 23.28 1.30 -20.77
N ALA A 190 23.48 2.57 -20.45
CA ALA A 190 22.99 3.09 -19.14
C ALA A 190 22.22 4.37 -19.38
N TYR A 191 20.93 4.42 -19.07
CA TYR A 191 20.13 5.57 -19.52
C TYR A 191 19.49 6.30 -18.34
N ILE A 192 18.91 7.43 -18.64
CA ILE A 192 18.00 8.12 -17.71
C ILE A 192 16.75 8.31 -18.57
N GLY A 193 15.88 7.35 -18.36
CA GLY A 193 14.62 7.25 -19.18
C GLY A 193 15.22 6.59 -20.45
N VAL A 194 15.30 7.40 -21.46
CA VAL A 194 15.77 7.00 -22.79
C VAL A 194 16.96 7.82 -23.26
N MET A 195 17.41 8.77 -22.45
CA MET A 195 18.59 9.58 -22.78
C MET A 195 19.85 8.85 -22.30
N PRO A 196 20.63 8.37 -23.22
CA PRO A 196 21.93 7.76 -22.89
C PRO A 196 22.78 8.72 -22.11
N ILE A 197 23.89 8.25 -21.58
CA ILE A 197 24.87 9.17 -20.87
C ILE A 197 25.98 9.68 -21.78
N ARG A 198 25.58 10.56 -22.63
CA ARG A 198 25.66 11.49 -23.68
C ARG A 198 25.19 12.87 -23.14
N LYS A 199 24.84 12.82 -21.86
CA LYS A 199 24.54 13.96 -21.01
C LYS A 199 25.85 14.47 -20.39
N LEU A 200 26.87 13.66 -20.53
CA LEU A 200 28.21 13.86 -20.04
C LEU A 200 29.14 13.06 -20.93
N VAL A 201 30.37 13.47 -21.10
CA VAL A 201 31.26 12.76 -22.05
C VAL A 201 32.64 12.42 -21.48
N GLU A 202 33.05 11.21 -21.85
CA GLU A 202 34.15 10.48 -21.19
C GLU A 202 33.46 9.14 -20.79
N SER A 203 32.32 9.41 -20.15
CA SER A 203 31.32 8.45 -19.73
C SER A 203 31.72 6.98 -19.89
N LYS A 204 31.34 6.41 -21.02
CA LYS A 204 31.56 4.97 -21.25
C LYS A 204 32.94 4.57 -20.76
N ASP A 211 34.16 11.93 -12.39
CA ASP A 211 32.97 12.38 -11.67
C ASP A 211 31.97 11.20 -11.54
N LEU A 212 32.04 10.32 -12.52
CA LEU A 212 31.24 9.17 -12.78
C LEU A 212 32.03 7.87 -12.62
N GLU A 213 33.29 7.81 -12.96
CA GLU A 213 33.96 6.51 -12.60
C GLU A 213 34.25 6.58 -11.11
N ARG A 214 33.60 7.60 -10.54
CA ARG A 214 33.65 8.02 -9.14
C ARG A 214 32.43 7.40 -8.43
N ILE A 215 31.33 7.72 -9.12
CA ILE A 215 30.04 7.21 -8.75
C ILE A 215 30.15 5.70 -8.60
N PHE A 216 30.74 5.07 -9.60
CA PHE A 216 30.88 3.62 -9.64
C PHE A 216 31.90 3.13 -8.61
N VAL A 217 32.91 3.90 -8.24
CA VAL A 217 33.84 3.43 -7.18
C VAL A 217 33.19 3.39 -5.80
N ASN A 218 32.22 4.22 -5.56
CA ASN A 218 31.45 4.28 -4.32
C ASN A 218 30.43 3.15 -4.28
N VAL A 219 29.79 3.06 -5.45
CA VAL A 219 28.89 1.92 -5.70
C VAL A 219 29.62 0.63 -5.30
N ARG A 220 30.93 0.60 -5.47
CA ARG A 220 31.71 -0.63 -5.30
C ARG A 220 32.44 -0.72 -3.97
N ASP A 221 32.71 0.37 -3.33
CA ASP A 221 33.37 0.39 -2.02
C ASP A 221 32.35 0.65 -0.94
N ALA A 222 31.07 0.55 -1.29
CA ALA A 222 29.96 0.87 -0.35
C ALA A 222 29.90 0.00 0.88
N ALA A 223 30.11 -1.32 0.73
CA ALA A 223 29.96 -2.26 1.85
C ALA A 223 30.95 -1.92 2.98
N TYR A 224 32.20 -1.89 2.49
CA TYR A 224 33.33 -1.51 3.35
C TYR A 224 33.06 -0.26 4.20
N GLN A 225 32.49 0.73 3.57
CA GLN A 225 32.29 2.08 4.13
C GLN A 225 31.11 2.13 5.08
N ILE A 226 30.09 1.37 4.83
CA ILE A 226 28.91 1.19 5.70
C ILE A 226 29.15 0.32 6.93
N ILE A 227 30.09 -0.61 6.81
CA ILE A 227 30.41 -1.65 7.79
C ILE A 227 31.25 -1.05 8.93
N GLU A 228 32.04 -0.10 8.43
CA GLU A 228 33.08 0.64 9.07
C GLU A 228 32.51 1.75 9.95
N LYS A 229 31.29 2.18 9.66
CA LYS A 229 30.68 3.11 10.65
C LYS A 229 29.47 2.47 11.31
N LYS A 230 29.25 1.19 11.05
CA LYS A 230 28.04 0.58 11.64
C LYS A 230 28.12 -0.91 11.82
N GLY A 231 29.21 -1.50 11.37
CA GLY A 231 29.44 -2.94 11.56
C GLY A 231 28.85 -3.85 10.49
N ALA A 232 28.04 -3.33 9.56
CA ALA A 232 27.34 -4.26 8.66
C ALA A 232 26.28 -3.57 7.84
N THR A 233 26.04 -4.15 6.68
CA THR A 233 24.89 -3.86 5.82
C THR A 233 23.80 -4.90 6.05
N TYR A 234 22.56 -4.42 6.29
CA TYR A 234 21.41 -5.33 6.45
C TYR A 234 20.13 -4.71 5.94
N TYR A 235 19.89 -3.42 6.09
CA TYR A 235 18.66 -2.82 5.48
C TYR A 235 18.61 -2.93 3.98
N GLY A 236 19.64 -2.52 3.26
CA GLY A 236 19.83 -2.51 1.84
C GLY A 236 19.43 -3.84 1.19
N ILE A 237 20.21 -4.86 1.60
CA ILE A 237 19.92 -6.20 1.03
C ILE A 237 18.45 -6.60 1.15
N ALA A 238 17.86 -6.70 2.31
CA ALA A 238 16.44 -6.89 2.58
C ALA A 238 15.52 -6.06 1.68
N MET A 239 15.91 -4.83 1.34
CA MET A 239 14.99 -4.12 0.43
C MET A 239 14.99 -4.95 -0.87
N GLY A 240 16.23 -5.28 -1.26
CA GLY A 240 16.51 -5.89 -2.60
C GLY A 240 15.90 -7.29 -2.69
N LEU A 241 16.05 -7.96 -1.59
CA LEU A 241 15.66 -9.29 -1.23
C LEU A 241 14.14 -9.33 -1.07
N ALA A 242 13.59 -8.17 -0.76
CA ALA A 242 12.10 -8.16 -0.69
C ALA A 242 11.60 -7.82 -2.07
N ARG A 243 12.36 -7.35 -3.01
CA ARG A 243 11.91 -6.98 -4.36
C ARG A 243 11.68 -8.26 -5.17
N VAL A 244 12.70 -9.08 -5.29
CA VAL A 244 12.70 -10.40 -5.90
C VAL A 244 11.53 -11.24 -5.32
N THR A 245 11.42 -11.14 -3.97
CA THR A 245 10.34 -11.85 -3.31
C THR A 245 9.04 -11.42 -3.99
N ARG A 246 8.89 -10.13 -4.09
CA ARG A 246 7.69 -9.55 -4.68
C ARG A 246 7.52 -10.08 -6.10
N ALA A 247 8.57 -10.01 -6.90
CA ALA A 247 8.64 -10.54 -8.27
C ALA A 247 8.21 -12.02 -8.35
N ILE A 248 8.84 -12.81 -7.49
CA ILE A 248 8.54 -14.26 -7.54
C ILE A 248 7.03 -14.41 -7.33
N LEU A 249 6.64 -13.99 -6.14
CA LEU A 249 5.30 -14.31 -5.59
C LEU A 249 4.15 -13.75 -6.41
N HIS A 250 4.40 -12.76 -7.24
CA HIS A 250 3.35 -11.98 -7.91
C HIS A 250 3.45 -12.10 -9.41
N ASN A 251 4.32 -13.00 -9.81
CA ASN A 251 4.49 -13.43 -11.23
C ASN A 251 4.87 -12.24 -12.08
N GLU A 252 5.63 -11.32 -11.49
CA GLU A 252 5.81 -9.98 -12.08
C GLU A 252 6.34 -10.09 -13.50
N ASN A 253 7.13 -11.06 -13.86
CA ASN A 253 7.88 -11.10 -15.13
C ASN A 253 8.75 -9.83 -15.22
N ALA A 254 9.48 -9.56 -14.14
CA ALA A 254 10.35 -8.38 -14.08
C ALA A 254 11.82 -8.67 -14.34
N ILE A 255 12.52 -7.62 -14.78
CA ILE A 255 13.92 -7.82 -15.15
C ILE A 255 14.78 -7.22 -13.99
N LEU A 256 15.11 -8.12 -13.08
CA LEU A 256 16.06 -7.83 -12.01
C LEU A 256 17.43 -8.43 -12.32
N THR A 257 18.43 -7.67 -11.82
CA THR A 257 19.81 -8.16 -11.97
C THR A 257 20.24 -9.11 -10.86
N VAL A 258 19.92 -10.36 -11.10
CA VAL A 258 20.15 -11.47 -10.18
C VAL A 258 21.50 -12.15 -10.47
N SER A 259 21.65 -13.27 -9.84
CA SER A 259 22.64 -14.30 -9.74
C SER A 259 22.09 -15.61 -10.35
N ALA A 260 22.24 -15.64 -11.65
CA ALA A 260 21.72 -16.62 -12.58
C ALA A 260 22.84 -17.53 -13.06
N TYR A 261 22.41 -18.70 -13.49
CA TYR A 261 23.27 -19.69 -14.13
C TYR A 261 23.51 -19.40 -15.63
N LEU A 262 24.79 -19.13 -15.95
CA LEU A 262 25.15 -18.86 -17.34
C LEU A 262 25.36 -20.18 -18.12
N ASP A 263 24.46 -20.14 -19.05
CA ASP A 263 23.98 -21.02 -20.08
C ASP A 263 25.01 -21.40 -21.15
N GLY A 264 25.85 -20.43 -21.48
CA GLY A 264 26.76 -20.33 -22.59
C GLY A 264 26.60 -18.87 -23.10
N LEU A 265 25.71 -18.20 -22.39
CA LEU A 265 25.34 -16.76 -22.72
C LEU A 265 26.44 -15.89 -22.14
N TYR A 266 26.73 -14.84 -22.86
CA TYR A 266 27.94 -14.03 -22.51
C TYR A 266 29.14 -14.95 -22.79
N GLY A 267 28.73 -16.11 -23.28
CA GLY A 267 29.73 -17.09 -23.79
C GLY A 267 30.50 -17.60 -22.56
N GLU A 268 29.74 -17.81 -21.49
CA GLU A 268 30.33 -18.41 -20.27
C GLU A 268 29.53 -19.67 -19.97
N ARG A 269 30.03 -20.61 -19.18
CA ARG A 269 29.42 -21.95 -19.33
C ARG A 269 29.16 -22.74 -18.11
N ASP A 270 29.58 -22.39 -16.93
CA ASP A 270 29.24 -23.22 -15.73
C ASP A 270 29.69 -22.43 -14.53
N VAL A 271 29.05 -21.30 -14.35
CA VAL A 271 29.31 -20.24 -13.36
C VAL A 271 27.95 -19.68 -13.02
N TYR A 272 27.71 -19.37 -11.77
CA TYR A 272 26.42 -18.58 -11.52
C TYR A 272 26.95 -17.14 -11.54
N ILE A 273 26.21 -16.17 -12.01
CA ILE A 273 26.79 -14.82 -11.99
C ILE A 273 25.74 -13.76 -12.24
N GLY A 274 25.98 -12.53 -11.76
CA GLY A 274 25.15 -11.38 -11.74
C GLY A 274 24.82 -10.86 -13.13
N VAL A 275 23.56 -10.98 -13.46
CA VAL A 275 23.03 -10.83 -14.82
C VAL A 275 21.57 -10.36 -14.71
N PRO A 276 21.09 -9.64 -15.72
CA PRO A 276 19.67 -9.40 -15.89
C PRO A 276 18.93 -10.71 -16.12
N ALA A 277 17.93 -11.01 -15.30
CA ALA A 277 17.13 -12.23 -15.60
C ALA A 277 15.69 -11.77 -15.52
N VAL A 278 14.74 -12.52 -15.98
CA VAL A 278 13.33 -12.25 -15.86
C VAL A 278 12.76 -13.17 -14.79
N ILE A 279 12.22 -12.48 -13.77
CA ILE A 279 11.79 -13.24 -12.53
C ILE A 279 10.32 -13.43 -12.69
N ASN A 280 9.73 -14.37 -12.07
CA ASN A 280 8.25 -14.49 -11.99
C ASN A 280 8.04 -15.78 -11.19
N ARG A 281 6.81 -16.17 -11.02
CA ARG A 281 6.37 -17.06 -9.95
C ARG A 281 6.91 -18.46 -10.08
N ASN A 282 7.68 -18.68 -11.14
CA ASN A 282 8.24 -20.06 -11.30
C ASN A 282 9.75 -20.10 -11.34
N GLY A 283 10.45 -19.18 -10.77
CA GLY A 283 11.95 -19.15 -10.74
C GLY A 283 12.42 -18.03 -11.68
N ILE A 284 13.34 -18.33 -12.54
CA ILE A 284 13.79 -17.48 -13.64
C ILE A 284 13.10 -17.95 -14.93
N ARG A 285 12.75 -16.95 -15.70
CA ARG A 285 12.19 -17.19 -17.04
C ARG A 285 13.36 -17.34 -18.00
N GLU A 286 14.23 -16.35 -18.07
CA GLU A 286 15.28 -16.33 -19.11
C GLU A 286 16.27 -15.26 -18.72
N VAL A 287 17.51 -15.46 -19.00
CA VAL A 287 18.61 -14.50 -18.86
C VAL A 287 18.59 -13.59 -20.08
N ILE A 288 19.10 -12.43 -19.97
CA ILE A 288 19.18 -11.43 -21.08
C ILE A 288 20.66 -11.25 -21.35
N GLU A 289 21.01 -11.08 -22.61
CA GLU A 289 22.40 -10.70 -22.95
C GLU A 289 22.41 -9.23 -23.30
N ILE A 290 22.59 -8.33 -22.37
CA ILE A 290 22.69 -6.89 -22.79
C ILE A 290 23.82 -6.89 -23.82
N GLU A 291 23.74 -6.01 -24.80
CA GLU A 291 24.86 -6.01 -25.80
C GLU A 291 26.06 -5.29 -25.21
N LEU A 292 26.88 -6.10 -24.55
CA LEU A 292 28.03 -5.57 -23.81
C LEU A 292 29.09 -5.16 -24.85
N ASN A 293 29.73 -4.11 -24.48
CA ASN A 293 30.74 -3.34 -25.14
C ASN A 293 32.03 -4.15 -25.21
N ASP A 294 33.07 -3.59 -25.79
CA ASP A 294 34.38 -4.21 -25.88
C ASP A 294 34.95 -4.43 -24.47
N ASP A 295 35.15 -3.34 -23.77
CA ASP A 295 35.95 -3.53 -22.52
C ASP A 295 35.11 -4.30 -21.51
N GLU A 296 33.81 -4.35 -21.78
CA GLU A 296 32.91 -4.99 -20.77
C GLU A 296 33.07 -6.48 -20.93
N LYS A 297 33.07 -6.95 -22.15
CA LYS A 297 33.14 -8.42 -22.39
C LYS A 297 34.35 -9.01 -21.68
N ASN A 298 35.35 -8.17 -21.57
CA ASN A 298 36.70 -8.49 -21.06
C ASN A 298 36.68 -8.46 -19.54
N ARG A 299 35.87 -7.55 -19.02
CA ARG A 299 35.67 -7.34 -17.60
C ARG A 299 34.78 -8.49 -17.11
N PHE A 300 33.70 -8.62 -17.84
CA PHE A 300 32.75 -9.72 -17.56
C PHE A 300 33.53 -11.03 -17.56
N HIS A 301 34.40 -11.18 -18.54
CA HIS A 301 35.06 -12.49 -18.75
C HIS A 301 35.95 -12.85 -17.58
N HIS A 302 36.69 -11.89 -17.08
CA HIS A 302 37.65 -11.91 -16.00
C HIS A 302 37.02 -12.27 -14.64
N SER A 303 35.88 -11.64 -14.46
CA SER A 303 34.95 -11.68 -13.38
C SER A 303 34.37 -13.10 -13.27
N ALA A 304 33.88 -13.56 -14.41
CA ALA A 304 33.20 -14.87 -14.43
C ALA A 304 34.28 -15.90 -14.12
N ALA A 305 35.45 -15.58 -14.63
CA ALA A 305 36.63 -16.46 -14.49
C ALA A 305 37.13 -16.42 -13.06
N THR A 306 36.87 -15.35 -12.32
CA THR A 306 37.39 -15.28 -10.92
C THR A 306 36.57 -16.29 -10.11
N LEU A 307 35.30 -16.39 -10.55
CA LEU A 307 34.35 -17.28 -9.86
C LEU A 307 34.61 -18.72 -10.27
N LYS A 308 34.63 -18.91 -11.58
CA LYS A 308 34.67 -20.32 -12.11
C LYS A 308 35.84 -21.01 -11.45
N SER A 309 36.72 -20.20 -10.85
CA SER A 309 37.95 -20.65 -10.17
C SER A 309 37.76 -21.19 -8.78
N VAL A 310 37.26 -20.26 -7.96
CA VAL A 310 36.90 -20.50 -6.57
C VAL A 310 35.98 -21.71 -6.52
N LEU A 311 35.33 -21.91 -7.64
CA LEU A 311 34.35 -22.99 -7.83
C LEU A 311 35.03 -24.37 -7.89
N ALA A 312 36.12 -24.44 -8.63
CA ALA A 312 36.88 -25.71 -8.75
C ALA A 312 37.93 -25.79 -7.64
N ARG A 313 38.42 -24.62 -7.22
CA ARG A 313 39.34 -24.57 -6.08
C ARG A 313 38.64 -25.25 -4.89
N ALA A 314 37.65 -24.51 -4.41
CA ALA A 314 36.88 -24.91 -3.23
C ALA A 314 36.08 -26.19 -3.48
N PHE A 315 34.89 -26.12 -2.90
CA PHE A 315 33.88 -27.16 -2.98
C PHE A 315 34.00 -28.05 -1.74
N THR A 316 34.55 -29.22 -2.01
CA THR A 316 34.65 -30.25 -0.93
C THR A 316 33.51 -29.99 0.06
N ARG A 317 33.93 -29.33 1.13
CA ARG A 317 33.05 -28.83 2.19
C ARG A 317 33.16 -27.30 2.28
N MET B 1 6.33 -24.45 -15.18
CA MET B 1 5.10 -25.06 -15.74
C MET B 1 4.63 -24.24 -16.95
N LYS B 2 3.56 -23.51 -16.75
CA LYS B 2 2.98 -22.58 -17.72
C LYS B 2 3.27 -21.15 -17.25
N ASN B 3 2.18 -20.41 -17.10
CA ASN B 3 2.19 -19.12 -16.35
C ASN B 3 0.99 -19.28 -15.38
N ASN B 4 1.35 -19.45 -14.12
CA ASN B 4 0.41 -19.71 -13.03
C ASN B 4 -0.54 -18.54 -12.75
N GLY B 5 -1.17 -18.71 -11.57
CA GLY B 5 -2.11 -17.68 -11.08
C GLY B 5 -3.02 -18.20 -9.98
N GLY B 6 -2.48 -18.09 -8.77
CA GLY B 6 -3.12 -18.56 -7.55
C GLY B 6 -4.18 -17.63 -6.96
N ALA B 7 -4.39 -16.47 -7.57
CA ALA B 7 -5.42 -15.57 -6.98
C ALA B 7 -6.32 -15.06 -8.09
N ARG B 8 -7.27 -15.86 -8.50
CA ARG B 8 -8.14 -15.40 -9.59
C ARG B 8 -9.56 -15.06 -9.18
N VAL B 9 -10.16 -14.11 -9.87
CA VAL B 9 -11.46 -13.54 -9.60
C VAL B 9 -12.19 -13.34 -10.95
N VAL B 10 -13.35 -13.98 -11.03
CA VAL B 10 -14.27 -13.78 -12.14
C VAL B 10 -15.47 -12.95 -11.66
N VAL B 11 -15.76 -11.86 -12.34
CA VAL B 11 -16.93 -11.03 -12.07
C VAL B 11 -17.93 -11.36 -13.17
N ILE B 12 -19.12 -11.86 -12.85
CA ILE B 12 -20.15 -11.98 -13.93
C ILE B 12 -20.95 -10.67 -13.77
N GLY B 13 -20.94 -9.87 -14.78
CA GLY B 13 -21.60 -8.55 -14.72
C GLY B 13 -20.54 -7.47 -14.36
N ALA B 14 -20.27 -6.76 -15.45
CA ALA B 14 -19.30 -5.72 -15.61
C ALA B 14 -20.07 -4.45 -15.94
N GLY B 15 -20.99 -4.13 -15.05
CA GLY B 15 -21.81 -2.92 -15.12
C GLY B 15 -21.08 -2.01 -14.11
N PHE B 16 -21.82 -1.06 -13.59
CA PHE B 16 -21.39 -0.05 -12.65
C PHE B 16 -20.73 -0.65 -11.43
N VAL B 17 -21.44 -1.63 -10.91
CA VAL B 17 -20.98 -2.31 -9.67
C VAL B 17 -19.79 -3.22 -9.95
N GLY B 18 -19.84 -3.94 -11.04
CA GLY B 18 -18.85 -4.87 -11.47
C GLY B 18 -17.54 -4.18 -11.79
N ALA B 19 -17.57 -3.21 -12.66
CA ALA B 19 -16.45 -2.40 -13.10
C ALA B 19 -15.78 -1.57 -12.02
N SER B 20 -16.57 -0.98 -11.15
CA SER B 20 -16.06 -0.12 -10.07
C SER B 20 -15.38 -0.95 -8.99
N TYR B 21 -15.80 -2.20 -8.95
CA TYR B 21 -15.29 -3.24 -8.08
C TYR B 21 -13.89 -3.68 -8.53
N VAL B 22 -13.89 -4.02 -9.81
CA VAL B 22 -12.67 -4.29 -10.55
C VAL B 22 -11.71 -3.11 -10.30
N PHE B 23 -12.12 -1.92 -10.69
CA PHE B 23 -11.15 -0.79 -10.57
C PHE B 23 -10.69 -0.70 -9.12
N ALA B 24 -11.54 -1.12 -8.22
CA ALA B 24 -11.24 -1.13 -6.79
C ALA B 24 -10.04 -2.04 -6.48
N LEU B 25 -10.16 -3.27 -6.99
CA LEU B 25 -9.24 -4.37 -6.79
C LEU B 25 -7.84 -3.93 -7.21
N MET B 26 -7.73 -3.80 -8.49
CA MET B 26 -6.63 -3.23 -9.22
C MET B 26 -5.98 -2.02 -8.56
N ASN B 27 -6.75 -0.96 -8.36
CA ASN B 27 -6.16 0.18 -7.69
C ASN B 27 -5.68 -0.21 -6.30
N GLN B 28 -6.05 -1.37 -5.81
CA GLN B 28 -5.76 -1.76 -4.42
C GLN B 28 -4.78 -2.93 -4.39
N GLY B 29 -4.37 -3.49 -5.46
CA GLY B 29 -3.31 -4.50 -5.54
C GLY B 29 -3.81 -5.79 -4.89
N ILE B 30 -5.11 -6.11 -5.05
CA ILE B 30 -5.68 -7.25 -4.36
C ILE B 30 -5.61 -8.56 -5.12
N ALA B 31 -6.36 -8.75 -6.20
CA ALA B 31 -6.24 -10.11 -6.83
C ALA B 31 -4.97 -10.07 -7.68
N ASP B 32 -4.76 -11.15 -8.37
CA ASP B 32 -3.62 -11.43 -9.25
C ASP B 32 -4.03 -11.49 -10.74
N GLU B 33 -5.00 -12.37 -11.00
CA GLU B 33 -5.63 -12.39 -12.34
C GLU B 33 -7.09 -12.05 -12.09
N ILE B 34 -7.69 -11.17 -12.88
CA ILE B 34 -9.08 -10.79 -12.86
C ILE B 34 -9.72 -11.00 -14.26
N VAL B 35 -10.52 -12.03 -14.40
CA VAL B 35 -11.35 -12.31 -15.57
C VAL B 35 -12.60 -11.40 -15.40
N LEU B 36 -13.24 -11.10 -16.50
CA LEU B 36 -14.45 -10.28 -16.51
C LEU B 36 -15.39 -10.82 -17.56
N ILE B 37 -16.55 -11.27 -17.33
CA ILE B 37 -17.62 -11.84 -18.10
C ILE B 37 -18.88 -10.96 -18.03
N ASP B 38 -19.57 -10.84 -19.14
CA ASP B 38 -20.86 -10.07 -19.20
C ASP B 38 -21.69 -10.56 -20.37
N ALA B 39 -22.99 -10.72 -20.21
CA ALA B 39 -23.80 -11.10 -21.40
C ALA B 39 -23.45 -10.11 -22.52
N ASN B 40 -23.11 -8.92 -22.10
CA ASN B 40 -22.81 -7.82 -23.06
C ASN B 40 -21.31 -7.89 -23.30
N GLU B 41 -20.90 -8.86 -24.09
CA GLU B 41 -19.46 -9.10 -24.28
C GLU B 41 -18.70 -7.86 -24.70
N SER B 42 -19.27 -6.98 -25.49
CA SER B 42 -18.67 -5.75 -26.00
C SER B 42 -18.30 -4.75 -24.91
N LYS B 43 -19.09 -4.71 -23.88
CA LYS B 43 -18.85 -3.91 -22.66
C LYS B 43 -17.68 -4.49 -21.88
N ALA B 44 -17.51 -5.78 -21.82
CA ALA B 44 -16.33 -6.43 -21.23
C ALA B 44 -14.99 -6.19 -21.93
N ILE B 45 -15.08 -6.19 -23.25
CA ILE B 45 -13.94 -5.89 -24.13
C ILE B 45 -13.48 -4.48 -23.77
N GLY B 46 -14.37 -3.51 -23.93
CA GLY B 46 -14.09 -2.12 -23.56
C GLY B 46 -13.57 -1.94 -22.16
N ASP B 47 -14.24 -2.51 -21.16
CA ASP B 47 -13.77 -2.32 -19.78
C ASP B 47 -12.33 -2.81 -19.66
N ALA B 48 -12.15 -4.00 -20.21
CA ALA B 48 -10.85 -4.74 -20.06
C ALA B 48 -9.72 -4.01 -20.78
N MET B 49 -10.02 -3.36 -21.90
CA MET B 49 -9.05 -2.51 -22.59
C MET B 49 -8.67 -1.43 -21.60
N ASP B 50 -9.65 -0.61 -21.35
CA ASP B 50 -9.54 0.53 -20.42
C ASP B 50 -8.67 0.19 -19.24
N PHE B 51 -9.03 -0.85 -18.52
CA PHE B 51 -8.26 -1.32 -17.34
C PHE B 51 -6.80 -1.58 -17.75
N ASN B 52 -6.57 -2.36 -18.81
CA ASN B 52 -5.22 -2.69 -19.23
C ASN B 52 -4.40 -1.47 -19.60
N HIS B 53 -4.94 -0.40 -20.13
CA HIS B 53 -4.03 0.75 -20.42
C HIS B 53 -3.59 1.45 -19.15
N GLY B 54 -4.31 1.41 -18.04
CA GLY B 54 -3.79 2.18 -16.88
C GLY B 54 -2.85 1.40 -16.01
N LYS B 55 -2.98 0.10 -16.07
CA LYS B 55 -2.26 -0.97 -15.35
C LYS B 55 -0.94 -0.52 -14.72
N VAL B 56 0.01 -0.25 -15.62
CA VAL B 56 1.38 0.18 -15.41
C VAL B 56 1.71 1.13 -14.26
N PHE B 57 0.71 1.92 -13.99
CA PHE B 57 0.52 2.93 -13.02
C PHE B 57 0.10 2.41 -11.63
N ALA B 58 -0.57 1.24 -11.70
CA ALA B 58 -0.94 0.53 -10.42
C ALA B 58 0.16 -0.47 -10.15
N PRO B 59 -0.04 -1.32 -9.14
CA PRO B 59 0.94 -2.37 -8.82
C PRO B 59 0.73 -3.84 -9.18
N LYS B 60 0.34 -4.23 -10.38
CA LYS B 60 0.52 -5.53 -10.99
C LYS B 60 -0.53 -6.61 -11.13
N PRO B 61 -1.62 -6.45 -11.87
CA PRO B 61 -2.69 -7.49 -11.82
C PRO B 61 -2.95 -7.89 -13.25
N VAL B 62 -3.75 -8.89 -13.46
CA VAL B 62 -3.98 -9.23 -14.90
C VAL B 62 -5.48 -9.28 -15.11
N ASP B 63 -5.86 -8.92 -16.33
CA ASP B 63 -7.24 -8.57 -16.70
C ASP B 63 -7.44 -9.12 -18.12
N ILE B 64 -8.44 -9.90 -18.25
CA ILE B 64 -8.67 -10.77 -19.41
C ILE B 64 -10.17 -10.44 -19.61
N TRP B 65 -10.76 -10.79 -20.69
CA TRP B 65 -12.22 -11.08 -20.65
C TRP B 65 -12.38 -12.49 -21.22
N ASP B 68 -15.70 -17.25 -22.00
CA ASP B 68 -16.62 -17.75 -21.05
C ASP B 68 -16.05 -18.31 -19.72
N TYR B 69 -17.09 -19.00 -19.19
CA TYR B 69 -17.09 -19.55 -17.85
C TYR B 69 -15.94 -20.51 -17.67
N ASP B 70 -15.36 -20.90 -18.79
CA ASP B 70 -14.23 -21.86 -18.73
C ASP B 70 -13.14 -21.20 -17.92
N ASP B 71 -13.35 -19.95 -17.52
CA ASP B 71 -12.27 -19.33 -16.71
C ASP B 71 -12.44 -19.73 -15.26
N CYS B 72 -13.62 -20.24 -14.94
CA CYS B 72 -14.01 -20.62 -13.58
C CYS B 72 -13.66 -22.08 -13.33
N ARG B 73 -12.39 -22.31 -13.08
CA ARG B 73 -11.86 -23.71 -12.98
C ARG B 73 -10.40 -23.58 -12.61
N ASP B 74 -10.29 -23.28 -11.31
CA ASP B 74 -8.99 -22.92 -10.68
C ASP B 74 -9.00 -21.41 -10.47
N ALA B 75 -10.25 -20.96 -10.59
CA ALA B 75 -10.66 -19.57 -10.39
C ALA B 75 -11.00 -19.54 -8.91
N ASP B 76 -10.21 -18.92 -8.10
CA ASP B 76 -10.43 -18.88 -6.66
C ASP B 76 -11.80 -18.41 -6.23
N LEU B 77 -12.41 -17.47 -6.92
CA LEU B 77 -13.72 -16.91 -6.49
C LEU B 77 -14.43 -16.24 -7.65
N VAL B 78 -15.73 -16.25 -7.64
CA VAL B 78 -16.65 -15.73 -8.63
C VAL B 78 -17.61 -14.70 -8.05
N VAL B 79 -17.56 -13.46 -8.48
CA VAL B 79 -18.43 -12.43 -7.84
C VAL B 79 -19.60 -12.14 -8.72
N ILE B 80 -20.84 -12.39 -8.36
CA ILE B 80 -21.91 -12.17 -9.39
C ILE B 80 -22.52 -10.78 -9.21
N CYS B 81 -22.22 -9.96 -10.21
CA CYS B 81 -22.62 -8.56 -10.26
C CYS B 81 -23.71 -8.39 -11.32
N ALA B 82 -24.28 -9.48 -11.79
CA ALA B 82 -25.23 -9.50 -12.91
C ALA B 82 -26.67 -9.35 -12.43
N GLY B 83 -27.51 -8.72 -13.25
CA GLY B 83 -28.88 -8.46 -12.88
C GLY B 83 -29.85 -7.69 -13.70
N ALA B 84 -31.13 -8.08 -13.59
CA ALA B 84 -32.30 -7.38 -14.02
C ALA B 84 -32.43 -6.08 -13.18
N LEU B 93 -41.41 -9.16 -7.04
CA LEU B 93 -41.28 -10.62 -7.11
C LEU B 93 -41.14 -10.94 -8.61
N ASP B 94 -41.40 -9.96 -9.43
CA ASP B 94 -41.22 -10.09 -10.90
C ASP B 94 -39.86 -9.45 -11.19
N LEU B 95 -39.05 -9.63 -10.16
CA LEU B 95 -37.67 -9.23 -10.04
C LEU B 95 -36.88 -10.46 -9.55
N VAL B 96 -37.35 -10.82 -8.38
CA VAL B 96 -36.93 -12.06 -7.71
C VAL B 96 -37.10 -13.20 -8.70
N ASP B 97 -38.08 -13.05 -9.60
CA ASP B 97 -38.32 -14.17 -10.57
C ASP B 97 -37.42 -13.87 -11.80
N LYS B 98 -37.16 -12.58 -12.04
CA LYS B 98 -36.28 -12.27 -13.21
C LYS B 98 -34.85 -12.72 -12.99
N ASN B 99 -34.24 -12.24 -11.92
CA ASN B 99 -32.90 -12.52 -11.45
C ASN B 99 -32.69 -13.98 -11.08
N ILE B 100 -33.72 -14.54 -10.43
CA ILE B 100 -33.56 -15.99 -10.08
C ILE B 100 -33.27 -16.69 -11.42
N ALA B 101 -34.10 -16.20 -12.33
CA ALA B 101 -34.09 -16.66 -13.72
C ALA B 101 -32.71 -16.51 -14.34
N ILE B 102 -32.18 -15.30 -14.29
CA ILE B 102 -30.89 -14.88 -14.80
C ILE B 102 -29.79 -15.79 -14.19
N PHE B 103 -29.76 -15.71 -12.87
CA PHE B 103 -28.94 -16.38 -11.92
C PHE B 103 -28.86 -17.90 -12.15
N ARG B 104 -30.03 -18.45 -12.49
CA ARG B 104 -30.21 -19.89 -12.65
C ARG B 104 -29.30 -20.35 -13.79
N SER B 105 -29.12 -19.46 -14.77
CA SER B 105 -28.10 -19.81 -15.80
C SER B 105 -26.67 -19.51 -15.40
N ILE B 106 -26.44 -18.49 -14.57
CA ILE B 106 -25.06 -18.12 -14.25
C ILE B 106 -24.39 -19.28 -13.50
N VAL B 107 -25.07 -19.73 -12.45
CA VAL B 107 -24.39 -20.65 -11.53
C VAL B 107 -24.04 -21.92 -12.33
N GLU B 108 -25.14 -22.47 -12.86
CA GLU B 108 -25.13 -23.68 -13.70
C GLU B 108 -23.91 -23.56 -14.60
N SER B 109 -23.91 -22.48 -15.39
CA SER B 109 -22.82 -22.30 -16.36
C SER B 109 -21.46 -22.40 -15.72
N VAL B 110 -21.23 -21.86 -14.56
CA VAL B 110 -19.90 -21.75 -13.96
C VAL B 110 -19.57 -23.09 -13.27
N MET B 111 -20.67 -23.67 -12.81
CA MET B 111 -20.64 -24.95 -12.07
C MET B 111 -20.21 -25.99 -13.12
N ALA B 112 -20.81 -25.80 -14.30
CA ALA B 112 -20.55 -26.74 -15.41
C ALA B 112 -19.13 -26.60 -15.96
N SER B 113 -18.27 -25.90 -15.29
CA SER B 113 -16.88 -25.71 -15.73
C SER B 113 -15.97 -26.44 -14.77
N GLY B 114 -16.61 -27.02 -13.77
CA GLY B 114 -15.91 -27.74 -12.68
C GLY B 114 -15.34 -26.74 -11.67
N PHE B 115 -16.11 -25.70 -11.43
CA PHE B 115 -15.74 -24.71 -10.39
C PHE B 115 -15.59 -25.50 -9.07
N GLN B 116 -14.66 -25.05 -8.26
CA GLN B 116 -14.48 -25.56 -6.91
C GLN B 116 -14.37 -24.43 -5.87
N GLY B 117 -14.77 -23.21 -6.08
CA GLY B 117 -14.38 -22.12 -5.19
C GLY B 117 -15.42 -21.51 -4.33
N LEU B 118 -15.38 -20.16 -4.27
CA LEU B 118 -16.41 -19.43 -3.50
C LEU B 118 -17.27 -18.51 -4.37
N PHE B 119 -18.50 -18.27 -3.99
CA PHE B 119 -19.37 -17.25 -4.59
C PHE B 119 -19.53 -15.98 -3.75
N LEU B 120 -19.45 -14.82 -4.43
CA LEU B 120 -19.76 -13.52 -3.78
C LEU B 120 -20.92 -12.92 -4.54
N VAL B 121 -22.08 -13.00 -3.93
CA VAL B 121 -23.29 -12.41 -4.59
C VAL B 121 -23.44 -10.97 -4.10
N ALA B 122 -23.62 -10.04 -5.02
CA ALA B 122 -23.94 -8.65 -4.66
C ALA B 122 -25.16 -8.09 -5.34
N THR B 123 -25.91 -8.81 -6.10
CA THR B 123 -27.07 -8.42 -6.91
C THR B 123 -28.29 -8.27 -6.05
N ASN B 124 -29.18 -7.29 -6.24
CA ASN B 124 -30.41 -7.35 -5.34
C ASN B 124 -31.40 -8.32 -5.97
N PRO B 125 -32.26 -8.96 -5.18
CA PRO B 125 -32.29 -8.76 -3.69
C PRO B 125 -31.31 -9.74 -3.09
N VAL B 126 -30.15 -9.33 -2.61
CA VAL B 126 -29.04 -10.17 -2.23
C VAL B 126 -29.29 -11.36 -1.35
N ASP B 127 -30.01 -11.26 -0.26
CA ASP B 127 -30.09 -12.39 0.72
C ASP B 127 -30.76 -13.52 -0.04
N ILE B 128 -31.65 -13.11 -0.92
CA ILE B 128 -32.51 -14.02 -1.66
C ILE B 128 -31.68 -14.64 -2.81
N LEU B 129 -30.97 -13.77 -3.51
CA LEU B 129 -30.19 -14.23 -4.67
C LEU B 129 -29.00 -15.02 -4.14
N THR B 130 -28.68 -14.67 -2.88
CA THR B 130 -27.61 -15.45 -2.23
C THR B 130 -28.15 -16.82 -1.88
N TYR B 131 -29.41 -16.91 -1.50
CA TYR B 131 -29.93 -18.24 -1.10
C TYR B 131 -29.96 -19.18 -2.32
N ALA B 132 -30.37 -18.55 -3.42
CA ALA B 132 -30.69 -19.15 -4.71
C ALA B 132 -29.43 -19.69 -5.37
N THR B 133 -28.35 -18.97 -5.04
CA THR B 133 -27.03 -19.21 -5.64
C THR B 133 -26.53 -20.47 -5.00
N TRP B 134 -26.93 -20.68 -3.78
CA TRP B 134 -26.53 -21.87 -3.01
C TRP B 134 -27.28 -23.11 -3.48
N LYS B 135 -28.61 -22.92 -3.51
CA LYS B 135 -29.50 -24.02 -3.97
C LYS B 135 -28.99 -24.41 -5.36
N PHE B 136 -28.83 -23.43 -6.23
CA PHE B 136 -28.28 -23.70 -7.54
C PHE B 136 -26.82 -24.12 -7.50
N SER B 137 -26.06 -23.88 -6.50
CA SER B 137 -24.60 -24.14 -6.62
C SER B 137 -24.37 -25.63 -6.36
N GLY B 138 -25.07 -26.05 -5.31
CA GLY B 138 -24.85 -27.39 -4.69
C GLY B 138 -24.01 -27.12 -3.42
N LEU B 139 -23.05 -26.25 -3.67
CA LEU B 139 -22.10 -25.82 -2.65
C LEU B 139 -22.61 -25.65 -1.23
N PRO B 140 -21.74 -26.13 -0.34
CA PRO B 140 -21.88 -25.83 1.09
C PRO B 140 -22.12 -24.33 1.26
N HIS B 141 -23.00 -24.01 2.17
CA HIS B 141 -23.38 -22.68 2.56
C HIS B 141 -22.30 -21.93 3.30
N GLU B 142 -21.07 -22.44 3.36
CA GLU B 142 -20.00 -21.67 4.06
C GLU B 142 -19.15 -21.05 2.94
N ARG B 143 -19.45 -21.54 1.73
CA ARG B 143 -18.73 -21.09 0.53
C ARG B 143 -19.59 -20.24 -0.39
N VAL B 144 -20.83 -19.97 0.01
CA VAL B 144 -21.69 -19.06 -0.74
C VAL B 144 -22.05 -17.88 0.18
N ILE B 145 -21.41 -16.77 -0.08
CA ILE B 145 -21.43 -15.54 0.64
C ILE B 145 -22.23 -14.45 -0.10
N GLY B 146 -23.19 -13.89 0.68
CA GLY B 146 -23.83 -12.63 0.35
C GLY B 146 -23.05 -11.38 0.82
N SER B 147 -23.20 -10.39 -0.05
CA SER B 147 -22.79 -8.98 0.20
C SER B 147 -23.43 -8.47 1.48
N GLY B 148 -24.71 -8.79 1.70
CA GLY B 148 -25.54 -8.49 2.80
C GLY B 148 -25.53 -7.12 3.43
N THR B 149 -25.39 -6.99 4.72
CA THR B 149 -25.60 -5.63 5.32
C THR B 149 -24.26 -4.91 5.46
N ILE B 150 -23.32 -5.22 4.57
CA ILE B 150 -21.94 -4.70 4.72
C ILE B 150 -21.93 -3.20 4.48
N LEU B 151 -22.53 -2.78 3.45
CA LEU B 151 -22.51 -1.34 3.08
C LEU B 151 -23.28 -0.58 4.14
N ASP B 152 -24.31 -1.19 4.63
CA ASP B 152 -25.26 -0.62 5.61
C ASP B 152 -24.51 -0.17 6.90
N THR B 153 -23.79 -1.04 7.53
CA THR B 153 -22.87 -1.02 8.61
C THR B 153 -21.75 0.01 8.39
N ALA B 154 -21.31 0.13 7.14
CA ALA B 154 -20.34 1.16 6.74
C ALA B 154 -21.00 2.55 6.76
N ARG B 155 -22.23 2.61 6.30
CA ARG B 155 -22.94 3.87 6.11
C ARG B 155 -23.20 4.39 7.52
N PHE B 156 -23.26 3.37 8.38
CA PHE B 156 -23.76 3.56 9.77
C PHE B 156 -22.55 4.08 10.54
N ARG B 157 -21.54 3.22 10.47
CA ARG B 157 -20.20 3.53 11.04
C ARG B 157 -19.70 4.89 10.63
N PHE B 158 -19.72 5.21 9.37
CA PHE B 158 -19.54 6.53 8.81
C PHE B 158 -20.40 7.62 9.46
N LEU B 159 -21.68 7.76 9.31
CA LEU B 159 -22.52 8.74 9.97
C LEU B 159 -22.18 8.91 11.44
N LEU B 160 -22.04 7.85 12.18
CA LEU B 160 -21.80 7.93 13.62
C LEU B 160 -20.45 8.62 13.89
N GLY B 161 -19.47 8.08 13.19
CA GLY B 161 -18.06 8.42 13.37
C GLY B 161 -17.90 9.92 13.06
N GLU B 162 -18.75 10.27 12.14
CA GLU B 162 -18.90 11.60 11.54
C GLU B 162 -19.41 12.58 12.59
N TYR B 163 -20.37 12.08 13.30
CA TYR B 163 -21.06 12.64 14.44
C TYR B 163 -20.08 12.94 15.58
N PHE B 164 -19.51 11.84 16.07
CA PHE B 164 -18.59 11.78 17.18
C PHE B 164 -17.21 12.37 16.85
N SER B 165 -16.96 12.50 15.57
CA SER B 165 -15.70 13.21 15.19
C SER B 165 -14.49 12.30 15.20
N VAL B 166 -14.64 11.07 15.65
CA VAL B 166 -13.57 10.05 15.59
C VAL B 166 -13.62 9.55 14.15
N ALA B 167 -13.03 8.40 13.92
CA ALA B 167 -12.98 7.75 12.60
C ALA B 167 -13.93 6.56 12.61
N PRO B 168 -14.59 6.29 11.50
CA PRO B 168 -15.54 5.17 11.40
C PRO B 168 -14.95 3.85 11.87
N GLN B 169 -13.65 3.78 11.77
CA GLN B 169 -12.75 2.72 12.13
C GLN B 169 -12.66 2.53 13.62
N ASN B 170 -13.09 3.47 14.45
CA ASN B 170 -13.17 3.25 15.91
C ASN B 170 -14.65 3.03 16.32
N VAL B 171 -15.57 3.32 15.38
CA VAL B 171 -16.99 3.02 15.69
C VAL B 171 -17.23 1.51 15.56
N HIS B 172 -17.80 0.93 16.60
CA HIS B 172 -18.18 -0.50 16.47
C HIS B 172 -19.69 -0.63 16.65
N ALA B 173 -20.41 -0.65 15.52
CA ALA B 173 -21.87 -0.85 15.46
C ALA B 173 -22.26 -1.65 14.21
N TYR B 174 -23.09 -2.69 14.29
CA TYR B 174 -23.58 -3.51 13.22
C TYR B 174 -25.03 -3.21 12.78
N ILE B 175 -25.27 -3.39 11.48
CA ILE B 175 -26.65 -3.41 10.90
C ILE B 175 -26.85 -4.86 10.49
N ILE B 176 -27.90 -5.50 10.93
CA ILE B 176 -28.08 -6.97 10.80
C ILE B 176 -29.45 -7.08 10.17
N GLY B 177 -29.88 -8.24 9.74
CA GLY B 177 -31.22 -8.38 9.14
C GLY B 177 -31.22 -8.23 7.64
N GLU B 178 -32.37 -7.92 7.06
CA GLU B 178 -32.46 -7.85 5.58
C GLU B 178 -31.70 -6.58 5.16
N HIS B 179 -30.81 -6.85 4.17
CA HIS B 179 -30.18 -5.64 3.55
C HIS B 179 -31.32 -5.04 2.73
N GLY B 180 -32.08 -4.21 3.35
CA GLY B 180 -33.26 -3.61 2.75
C GLY B 180 -34.01 -2.86 3.88
N ASP B 181 -35.35 -2.87 3.67
CA ASP B 181 -36.26 -2.20 4.57
C ASP B 181 -36.31 -2.79 5.97
N THR B 182 -36.27 -4.13 6.03
CA THR B 182 -36.51 -4.80 7.30
C THR B 182 -35.30 -4.82 8.22
N GLU B 183 -34.19 -4.32 7.79
CA GLU B 183 -32.94 -4.47 8.61
C GLU B 183 -33.05 -3.62 9.87
N LEU B 184 -32.24 -3.97 10.84
CA LEU B 184 -32.19 -3.25 12.12
C LEU B 184 -30.77 -3.00 12.60
N PRO B 185 -30.62 -1.87 13.26
CA PRO B 185 -29.35 -1.50 13.93
C PRO B 185 -29.36 -2.16 15.31
N VAL B 186 -28.31 -2.90 15.59
CA VAL B 186 -28.04 -3.48 16.92
C VAL B 186 -27.48 -2.34 17.77
N TRP B 187 -28.34 -1.53 18.34
CA TRP B 187 -27.93 -0.44 19.24
C TRP B 187 -27.39 -0.98 20.57
N SER B 188 -28.07 -1.96 21.14
CA SER B 188 -27.74 -2.54 22.43
C SER B 188 -26.24 -2.80 22.51
N GLN B 189 -25.67 -3.28 21.41
CA GLN B 189 -24.21 -3.58 21.42
C GLN B 189 -23.41 -2.68 20.49
N ALA B 190 -23.36 -1.36 20.70
CA ALA B 190 -22.74 -0.48 19.68
C ALA B 190 -21.76 0.44 20.37
N TYR B 191 -20.47 0.37 20.05
CA TYR B 191 -19.49 1.09 20.89
C TYR B 191 -18.68 2.08 20.07
N ILE B 192 -17.91 2.89 20.75
CA ILE B 192 -16.86 3.70 20.14
C ILE B 192 -15.64 3.32 20.95
N GLY B 193 -14.95 2.37 20.36
CA GLY B 193 -13.76 1.73 21.02
C GLY B 193 -14.52 0.75 21.96
N VAL B 194 -14.48 1.10 23.20
CA VAL B 194 -15.07 0.31 24.29
C VAL B 194 -16.11 1.07 25.09
N MET B 195 -16.34 2.33 24.73
CA MET B 195 -17.36 3.15 25.39
C MET B 195 -18.72 2.92 24.71
N PRO B 196 -19.61 2.25 25.40
CA PRO B 196 -20.99 2.08 24.91
C PRO B 196 -21.61 3.40 24.59
N ILE B 197 -22.77 3.39 23.96
CA ILE B 197 -23.53 4.68 23.70
C ILE B 197 -24.57 4.99 24.78
N ARG B 198 -24.05 5.37 25.91
CA ARG B 198 -24.00 5.82 27.22
C ARG B 198 -23.27 7.19 27.26
N LYS B 199 -22.89 7.57 26.04
CA LYS B 199 -22.36 8.88 25.70
C LYS B 199 -23.52 9.81 25.38
N LEU B 200 -24.67 9.22 25.22
CA LEU B 200 -25.93 9.84 24.90
C LEU B 200 -27.03 8.93 25.44
N VAL B 201 -28.16 9.47 25.81
CA VAL B 201 -29.20 8.61 26.43
C VAL B 201 -30.60 8.79 25.83
N GLU B 202 -31.23 7.63 25.72
CA GLU B 202 -32.43 7.42 24.86
C GLU B 202 -31.99 6.25 23.95
N SER B 203 -30.78 6.53 23.41
CA SER B 203 -29.97 5.64 22.63
C SER B 203 -30.63 4.33 22.20
N LYS B 204 -30.41 3.31 23.01
CA LYS B 204 -30.89 1.96 22.67
C LYS B 204 -32.30 2.03 22.11
N ASP B 211 -31.85 12.17 17.33
CA ASP B 211 -30.57 12.63 16.80
C ASP B 211 -29.79 11.44 16.18
N LEU B 212 -30.06 10.28 16.73
CA LEU B 212 -29.49 8.99 16.51
C LEU B 212 -30.50 8.04 15.89
N GLU B 213 -31.77 8.07 16.21
CA GLU B 213 -32.65 7.16 15.40
C GLU B 213 -32.86 7.86 14.07
N ARG B 214 -32.02 8.88 13.91
CA ARG B 214 -31.93 9.81 12.80
C ARG B 214 -30.82 9.32 11.86
N ILE B 215 -29.70 9.13 12.57
CA ILE B 215 -28.52 8.57 11.99
C ILE B 215 -28.89 7.29 11.27
N PHE B 216 -29.63 6.45 11.96
CA PHE B 216 -30.05 5.15 11.44
C PHE B 216 -31.09 5.29 10.34
N VAL B 217 -31.93 6.32 10.33
CA VAL B 217 -32.89 6.48 9.20
C VAL B 217 -32.21 6.86 7.91
N ASN B 218 -31.09 7.51 7.97
CA ASN B 218 -30.28 7.92 6.82
C ASN B 218 -29.48 6.73 6.30
N VAL B 219 -28.91 6.07 7.32
CA VAL B 219 -28.25 4.79 7.07
C VAL B 219 -29.18 3.90 6.23
N ARG B 220 -30.48 4.05 6.43
CA ARG B 220 -31.46 3.16 5.82
C ARG B 220 -32.15 3.72 4.59
N ASP B 221 -32.19 5.02 4.43
CA ASP B 221 -32.78 5.66 3.26
C ASP B 221 -31.70 6.13 2.32
N ALA B 222 -30.47 5.67 2.57
CA ALA B 222 -29.29 6.12 1.79
C ALA B 222 -29.34 5.80 0.30
N ALA B 223 -29.79 4.60 -0.05
CA ALA B 223 -29.78 4.16 -1.46
C ALA B 223 -30.64 5.08 -2.33
N TYR B 224 -31.89 5.16 -1.82
CA TYR B 224 -32.90 6.03 -2.43
C TYR B 224 -32.37 7.44 -2.73
N GLN B 225 -31.66 7.98 -1.78
CA GLN B 225 -31.19 9.39 -1.79
C GLN B 225 -29.99 9.59 -2.67
N ILE B 226 -29.12 8.62 -2.79
CA ILE B 226 -27.97 8.57 -3.70
C ILE B 226 -28.31 8.32 -5.16
N ILE B 227 -29.41 7.61 -5.38
CA ILE B 227 -29.89 7.11 -6.67
C ILE B 227 -30.55 8.24 -7.45
N GLU B 228 -31.17 9.05 -6.60
CA GLU B 228 -32.04 10.16 -6.86
C GLU B 228 -31.25 11.40 -7.25
N LYS B 229 -29.99 11.45 -6.87
CA LYS B 229 -29.18 12.57 -7.43
C LYS B 229 -28.07 12.02 -8.33
N LYS B 230 -28.11 10.73 -8.61
CA LYS B 230 -27.00 10.19 -9.43
C LYS B 230 -27.33 8.93 -10.18
N GLY B 231 -28.55 8.41 -9.95
CA GLY B 231 -29.02 7.23 -10.67
C GLY B 231 -28.66 5.89 -10.07
N ALA B 232 -27.79 5.84 -9.04
CA ALA B 232 -27.30 4.53 -8.61
C ALA B 232 -26.18 4.64 -7.62
N THR B 233 -26.10 3.61 -6.79
CA THR B 233 -24.94 3.34 -5.93
C THR B 233 -24.05 2.27 -6.59
N TYR B 234 -22.74 2.60 -6.67
CA TYR B 234 -21.77 1.62 -7.21
C TYR B 234 -20.42 1.75 -6.56
N TYR B 235 -19.93 2.93 -6.19
CA TYR B 235 -18.64 3.01 -5.45
C TYR B 235 -18.67 2.31 -4.10
N GLY B 236 -19.63 2.58 -3.25
CA GLY B 236 -19.87 2.07 -1.93
C GLY B 236 -19.74 0.55 -1.86
N ILE B 237 -20.68 -0.08 -2.61
CA ILE B 237 -20.66 -1.56 -2.62
C ILE B 237 -19.29 -2.14 -2.94
N ALA B 238 -18.68 -1.89 -4.07
CA ALA B 238 -17.31 -2.21 -4.45
C ALA B 238 -16.30 -1.98 -3.33
N MET B 239 -16.46 -0.93 -2.52
CA MET B 239 -15.46 -0.81 -1.44
C MET B 239 -15.67 -2.06 -0.56
N GLY B 240 -16.95 -2.29 -0.30
CA GLY B 240 -17.40 -3.31 0.70
C GLY B 240 -17.06 -4.73 0.22
N LEU B 241 -17.29 -4.88 -1.03
CA LEU B 241 -17.13 -6.00 -1.91
C LEU B 241 -15.65 -6.26 -2.13
N ALA B 242 -14.87 -5.18 -1.98
CA ALA B 242 -13.41 -5.41 -2.09
C ALA B 242 -12.90 -5.75 -0.71
N ARG B 243 -13.60 -5.56 0.36
CA ARG B 243 -13.14 -5.83 1.73
C ARG B 243 -13.18 -7.34 1.97
N VAL B 244 -14.35 -7.94 1.80
CA VAL B 244 -14.60 -9.36 1.84
C VAL B 244 -13.60 -10.11 0.94
N THR B 245 -13.41 -9.52 -0.26
CA THR B 245 -12.45 -10.10 -1.19
C THR B 245 -11.12 -10.21 -0.46
N ARG B 246 -10.75 -9.12 0.14
CA ARG B 246 -9.48 -9.05 0.86
C ARG B 246 -9.46 -10.10 1.96
N ALA B 247 -10.52 -10.17 2.76
CA ALA B 247 -10.73 -11.16 3.81
C ALA B 247 -10.58 -12.61 3.30
N ILE B 248 -11.31 -12.86 2.22
CA ILE B 248 -11.28 -14.25 1.70
C ILE B 248 -9.82 -14.58 1.38
N LEU B 249 -9.31 -13.81 0.43
CA LEU B 249 -8.04 -14.13 -0.24
C LEU B 249 -6.84 -14.15 0.68
N HIS B 250 -6.94 -13.53 1.85
CA HIS B 250 -5.79 -13.28 2.72
C HIS B 250 -5.96 -13.97 4.07
N ASN B 251 -6.99 -14.77 4.11
CA ASN B 251 -7.29 -15.68 5.26
C ASN B 251 -7.47 -14.87 6.52
N GLU B 252 -8.04 -13.67 6.35
CA GLU B 252 -7.99 -12.66 7.43
C GLU B 252 -8.59 -13.21 8.72
N ASN B 253 -9.56 -14.09 8.70
CA ASN B 253 -10.34 -14.48 9.88
C ASN B 253 -10.96 -13.21 10.48
N ALA B 254 -11.59 -12.41 9.64
CA ALA B 254 -12.22 -11.17 10.07
C ALA B 254 -13.73 -11.26 10.26
N ILE B 255 -14.24 -10.36 11.09
CA ILE B 255 -15.68 -10.41 11.42
C ILE B 255 -16.36 -9.27 10.61
N LEU B 256 -16.82 -9.67 9.43
CA LEU B 256 -17.67 -8.82 8.59
C LEU B 256 -19.13 -9.24 8.69
N THR B 257 -19.96 -8.18 8.57
CA THR B 257 -21.41 -8.42 8.57
C THR B 257 -21.95 -8.77 7.20
N VAL B 258 -21.88 -10.04 6.91
CA VAL B 258 -22.27 -10.65 5.64
C VAL B 258 -23.74 -11.12 5.69
N SER B 259 -24.08 -11.87 4.68
CA SER B 259 -25.22 -12.57 4.22
C SER B 259 -24.94 -14.08 4.26
N ALA B 260 -25.16 -14.59 5.45
CA ALA B 260 -24.85 -15.93 5.90
C ALA B 260 -26.13 -16.74 6.04
N TYR B 261 -25.95 -18.04 5.95
CA TYR B 261 -27.00 -19.03 6.19
C TYR B 261 -27.23 -19.31 7.68
N LEU B 262 -28.46 -18.95 8.14
CA LEU B 262 -28.82 -19.19 9.54
C LEU B 262 -29.29 -20.65 9.75
N ASP B 263 -28.43 -21.14 10.58
CA ASP B 263 -28.16 -22.42 11.16
C ASP B 263 -29.28 -22.99 12.04
N GLY B 264 -29.94 -22.09 12.75
CA GLY B 264 -30.87 -22.27 13.85
C GLY B 264 -30.46 -21.18 14.88
N LEU B 265 -29.43 -20.46 14.46
CA LEU B 265 -28.81 -19.36 15.30
C LEU B 265 -29.72 -18.15 15.16
N TYR B 266 -29.85 -17.43 16.24
CA TYR B 266 -30.86 -16.34 16.29
C TYR B 266 -32.21 -17.06 16.23
N GLY B 267 -32.04 -18.37 16.21
CA GLY B 267 -33.23 -19.27 16.32
C GLY B 267 -34.03 -19.11 15.03
N GLU B 268 -33.29 -19.03 13.93
CA GLU B 268 -33.93 -18.99 12.60
C GLU B 268 -33.36 -20.15 11.80
N ARG B 269 -33.99 -20.60 10.72
CA ARG B 269 -33.65 -21.97 10.32
C ARG B 269 -33.48 -22.25 8.88
N ASP B 270 -33.80 -21.41 7.94
CA ASP B 270 -33.56 -21.75 6.50
C ASP B 270 -33.83 -20.49 5.72
N VAL B 271 -32.98 -19.51 5.98
CA VAL B 271 -33.00 -18.14 5.49
C VAL B 271 -31.55 -17.73 5.35
N TYR B 272 -31.21 -17.00 4.31
CA TYR B 272 -29.78 -16.44 4.34
C TYR B 272 -30.05 -15.04 4.94
N ILE B 273 -29.16 -14.49 5.72
CA ILE B 273 -29.48 -13.15 6.25
C ILE B 273 -28.26 -12.49 6.87
N GLY B 274 -28.27 -11.15 6.90
CA GLY B 274 -27.24 -10.25 7.30
C GLY B 274 -26.85 -10.38 8.78
N VAL B 275 -25.65 -10.85 8.97
CA VAL B 275 -25.16 -11.35 10.27
C VAL B 275 -23.64 -11.15 10.30
N PRO B 276 -23.08 -10.98 11.49
CA PRO B 276 -21.65 -11.09 11.68
C PRO B 276 -21.16 -12.50 11.35
N ALA B 277 -20.20 -12.63 10.44
CA ALA B 277 -19.66 -13.99 10.22
C ALA B 277 -18.15 -13.81 10.27
N VAL B 278 -17.38 -14.84 10.37
CA VAL B 278 -15.94 -14.80 10.31
C VAL B 278 -15.49 -15.33 8.94
N ILE B 279 -14.81 -14.41 8.25
CA ILE B 279 -14.48 -14.68 6.80
C ILE B 279 -13.07 -15.18 6.83
N ASN B 280 -12.65 -15.91 5.85
CA ASN B 280 -11.20 -16.24 5.69
C ASN B 280 -11.21 -17.13 4.44
N ARG B 281 -10.07 -17.66 4.09
CA ARG B 281 -9.76 -18.12 2.75
C ARG B 281 -10.55 -19.32 2.33
N ASN B 282 -11.39 -19.81 3.25
CA ASN B 282 -12.19 -21.01 2.87
C ASN B 282 -13.68 -20.77 2.95
N GLY B 283 -14.19 -19.61 2.82
CA GLY B 283 -15.65 -19.29 2.86
C GLY B 283 -15.94 -18.55 4.17
N ILE B 284 -16.93 -19.00 4.88
CA ILE B 284 -17.26 -18.58 6.25
C ILE B 284 -16.71 -19.64 7.22
N ARG B 285 -16.21 -19.09 8.30
CA ARG B 285 -15.76 -19.94 9.41
C ARG B 285 -16.98 -20.23 10.29
N GLU B 286 -17.65 -19.21 10.78
CA GLU B 286 -18.72 -19.41 11.78
C GLU B 286 -19.48 -18.10 11.87
N VAL B 287 -20.74 -18.17 12.10
CA VAL B 287 -21.64 -17.04 12.39
C VAL B 287 -21.51 -16.70 13.85
N ILE B 288 -21.79 -15.52 14.24
CA ILE B 288 -21.73 -15.05 15.65
C ILE B 288 -23.16 -14.71 16.02
N GLU B 289 -23.52 -14.99 17.27
CA GLU B 289 -24.83 -14.51 17.78
C GLU B 289 -24.58 -13.33 18.68
N ILE B 290 -24.56 -12.12 18.17
CA ILE B 290 -24.41 -10.96 19.12
C ILE B 290 -25.54 -11.15 20.12
N GLU B 291 -25.36 -10.76 21.35
CA GLU B 291 -26.49 -10.95 22.31
C GLU B 291 -27.52 -9.85 22.11
N LEU B 292 -28.44 -10.17 21.22
CA LEU B 292 -29.45 -9.19 20.78
C LEU B 292 -30.46 -9.04 21.95
N ASN B 293 -30.88 -7.84 22.04
CA ASN B 293 -31.76 -7.21 22.98
C ASN B 293 -33.17 -7.73 22.77
N ASP B 294 -34.11 -7.27 23.57
CA ASP B 294 -35.51 -7.62 23.46
C ASP B 294 -36.07 -7.16 22.10
N ASP B 295 -36.03 -5.87 21.89
CA ASP B 295 -36.80 -5.40 20.69
C ASP B 295 -36.09 -5.86 19.43
N GLU B 296 -34.83 -6.25 19.60
CA GLU B 296 -34.03 -6.60 18.40
C GLU B 296 -34.45 -7.97 17.96
N LYS B 297 -34.59 -8.88 18.91
CA LYS B 297 -34.93 -10.28 18.55
C LYS B 297 -36.22 -10.31 17.72
N ASN B 298 -37.04 -9.33 17.98
CA ASN B 298 -38.40 -9.18 17.43
C ASN B 298 -38.32 -8.57 16.04
N ARG B 299 -37.34 -7.68 15.90
CA ARG B 299 -37.05 -6.97 14.66
C ARG B 299 -36.37 -7.98 13.72
N PHE B 300 -35.36 -8.60 14.31
CA PHE B 300 -34.61 -9.64 13.59
C PHE B 300 -35.61 -10.68 13.09
N HIS B 301 -36.54 -11.04 13.99
CA HIS B 301 -37.43 -12.19 13.69
C HIS B 301 -38.33 -11.89 12.50
N HIS B 302 -38.86 -10.70 12.45
CA HIS B 302 -39.77 -10.11 11.48
C HIS B 302 -39.17 -10.03 10.06
N SER B 303 -37.91 -9.60 10.11
CA SER B 303 -36.98 -9.38 9.05
C SER B 303 -36.65 -10.72 8.38
N ALA B 304 -36.31 -11.67 9.24
CA ALA B 304 -35.88 -12.98 8.71
C ALA B 304 -37.11 -13.60 8.07
N ALA B 305 -38.22 -13.30 8.72
CA ALA B 305 -39.54 -13.82 8.28
C ALA B 305 -39.98 -13.13 6.99
N THR B 306 -39.49 -11.93 6.73
CA THR B 306 -39.94 -11.23 5.47
C THR B 306 -39.28 -11.96 4.31
N LEU B 307 -38.07 -12.46 4.64
CA LEU B 307 -37.28 -13.17 3.62
C LEU B 307 -37.81 -14.58 3.44
N LYS B 308 -37.92 -15.26 4.57
CA LYS B 308 -38.23 -16.73 4.51
C LYS B 308 -39.49 -16.88 3.67
N SER B 309 -40.17 -15.75 3.46
CA SER B 309 -41.45 -15.67 2.73
C SER B 309 -41.30 -15.66 1.21
N VAL B 310 -40.61 -14.58 0.81
CA VAL B 310 -40.25 -14.31 -0.57
C VAL B 310 -39.56 -15.56 -1.13
N LEU B 311 -39.01 -16.30 -0.18
CA LEU B 311 -38.25 -17.53 -0.49
C LEU B 311 -39.17 -18.68 -0.94
N ALA B 312 -40.27 -18.83 -0.24
CA ALA B 312 -41.27 -19.87 -0.60
C ALA B 312 -42.28 -19.32 -1.62
N ARG B 313 -42.52 -18.02 -1.54
CA ARG B 313 -43.38 -17.36 -2.52
C ARG B 313 -42.76 -17.64 -3.90
N ALA B 314 -41.63 -16.97 -4.10
CA ALA B 314 -40.91 -17.00 -5.37
C ALA B 314 -40.37 -18.40 -5.67
N PHE B 315 -39.17 -18.33 -6.22
CA PHE B 315 -38.36 -19.48 -6.59
C PHE B 315 -38.60 -19.79 -8.07
N THR B 316 -39.36 -20.85 -8.26
CA THR B 316 -39.61 -21.33 -9.64
C THR B 316 -38.41 -20.92 -10.51
N ARG B 317 -38.66 -19.83 -11.22
CA ARG B 317 -37.67 -19.13 -12.03
C ARG B 317 -37.49 -17.69 -11.51
N MET C 1 9.93 27.17 -5.66
CA MET C 1 10.70 27.70 -4.51
C MET C 1 12.08 27.03 -4.48
N LYS C 2 12.24 26.15 -3.52
CA LYS C 2 13.44 25.32 -3.34
C LYS C 2 13.09 23.88 -3.74
N ASN C 3 13.31 23.00 -2.79
CA ASN C 3 12.76 21.62 -2.82
C ASN C 3 12.10 21.46 -1.42
N ASN C 4 10.78 21.48 -1.44
CA ASN C 4 9.95 21.44 -0.25
C ASN C 4 10.06 20.14 0.55
N GLY C 5 9.07 20.02 1.45
CA GLY C 5 8.96 18.82 2.29
C GLY C 5 8.07 19.05 3.50
N GLY C 6 6.79 18.81 3.25
CA GLY C 6 5.72 18.99 4.22
C GLY C 6 5.53 17.86 5.22
N ALA C 7 6.31 16.78 5.10
CA ALA C 7 6.12 15.68 6.08
C ALA C 7 7.48 15.25 6.60
N ARG C 8 8.01 15.98 7.55
CA ARG C 8 9.34 15.59 8.06
C ARG C 8 9.34 15.02 9.46
N VAL C 9 10.28 14.13 9.72
CA VAL C 9 10.41 13.37 10.94
C VAL C 9 11.92 13.30 11.29
N VAL C 10 12.22 13.79 12.48
CA VAL C 10 13.54 13.65 13.08
C VAL C 10 13.49 12.63 14.22
N VAL C 11 14.34 11.62 14.16
CA VAL C 11 14.49 10.62 15.21
C VAL C 11 15.76 11.00 15.96
N ILE C 12 15.68 11.28 17.25
CA ILE C 12 16.96 11.44 18.01
C ILE C 12 17.17 10.04 18.61
N GLY C 13 18.24 9.41 18.24
CA GLY C 13 18.51 8.04 18.67
C GLY C 13 18.05 7.04 17.57
N ALA C 14 19.11 6.57 16.94
CA ALA C 14 19.15 5.70 15.80
C ALA C 14 19.81 4.40 16.26
N GLY C 15 19.24 3.84 17.29
CA GLY C 15 19.67 2.56 17.87
C GLY C 15 18.63 1.59 17.27
N PHE C 16 18.43 0.49 17.95
CA PHE C 16 17.55 -0.59 17.59
C PHE C 16 16.13 -0.13 17.32
N VAL C 17 15.69 0.67 18.29
CA VAL C 17 14.30 1.20 18.25
C VAL C 17 14.15 2.28 17.18
N GLY C 18 15.11 3.15 17.10
CA GLY C 18 15.16 4.26 16.19
C GLY C 18 15.22 3.79 14.76
N ALA C 19 16.19 2.99 14.43
CA ALA C 19 16.44 2.40 13.12
C ALA C 19 15.33 1.50 12.60
N SER C 20 14.77 0.68 13.47
CA SER C 20 13.71 -0.28 13.09
C SER C 20 12.40 0.44 12.81
N TYR C 21 12.31 1.61 13.43
CA TYR C 21 11.21 2.56 13.30
C TYR C 21 11.24 3.23 11.92
N VAL C 22 12.43 3.78 11.70
CA VAL C 22 12.80 4.30 10.39
C VAL C 22 12.46 3.24 9.33
N PHE C 23 13.08 2.09 9.45
CA PHE C 23 12.86 1.07 8.37
C PHE C 23 11.38 0.81 8.25
N ALA C 24 10.68 0.98 9.34
CA ALA C 24 9.21 0.79 9.38
C ALA C 24 8.50 1.79 8.45
N LEU C 25 8.88 3.05 8.65
CA LEU C 25 8.30 4.23 7.99
C LEU C 25 8.42 4.02 6.48
N MET C 26 9.64 4.13 6.05
CA MET C 26 10.12 3.82 4.74
C MET C 26 9.48 2.60 4.08
N ASN C 27 9.62 1.44 4.69
CA ASN C 27 8.97 0.29 4.10
C ASN C 27 7.46 0.50 4.02
N GLN C 28 6.94 1.51 4.68
CA GLN C 28 5.48 1.71 4.77
C GLN C 28 5.05 2.98 4.04
N GLY C 29 5.91 3.74 3.48
CA GLY C 29 5.59 4.89 2.60
C GLY C 29 4.94 5.97 3.45
N ILE C 30 5.37 6.16 4.70
CA ILE C 30 4.70 7.09 5.60
C ILE C 30 5.27 8.50 5.57
N ALA C 31 6.46 8.76 6.05
CA ALA C 31 6.88 10.21 6.02
C ALA C 31 7.37 10.47 4.60
N ASP C 32 7.85 11.67 4.41
CA ASP C 32 8.37 12.22 3.16
C ASP C 32 9.89 12.46 3.23
N GLU C 33 10.28 13.25 4.23
CA GLU C 33 11.72 13.41 4.53
C GLU C 33 11.90 12.85 5.94
N ILE C 34 12.92 12.04 6.18
CA ILE C 34 13.29 11.49 7.47
C ILE C 34 14.77 11.85 7.78
N VAL C 35 14.98 12.77 8.69
CA VAL C 35 16.27 13.13 9.25
C VAL C 35 16.55 12.06 10.34
N LEU C 36 17.79 11.85 10.65
CA LEU C 36 18.22 10.90 11.69
C LEU C 36 19.40 11.49 12.42
N ILE C 37 19.42 11.75 13.67
CA ILE C 37 20.35 12.29 14.59
C ILE C 37 20.71 11.26 15.69
N ASP C 38 21.97 11.24 16.07
CA ASP C 38 22.43 10.34 17.17
C ASP C 38 23.72 10.90 17.77
N ALA C 39 23.87 10.87 19.08
CA ALA C 39 25.17 11.33 19.64
C ALA C 39 26.29 10.59 18.89
N ASN C 40 25.94 9.38 18.46
CA ASN C 40 26.92 8.50 17.78
C ASN C 40 26.77 8.80 16.30
N GLU C 41 27.30 9.93 15.88
CA GLU C 41 27.09 10.38 14.49
C GLU C 41 27.45 9.32 13.46
N SER C 42 28.46 8.50 13.68
CA SER C 42 28.96 7.47 12.80
C SER C 42 27.95 6.37 12.52
N LYS C 43 27.16 6.06 13.52
CA LYS C 43 26.03 5.10 13.44
C LYS C 43 24.91 5.70 12.60
N ALA C 44 24.65 6.98 12.67
CA ALA C 44 23.71 7.67 11.77
C ALA C 44 24.07 7.70 10.28
N ILE C 45 25.36 7.91 10.06
CA ILE C 45 25.95 7.91 8.73
C ILE C 45 25.67 6.53 8.14
N GLY C 46 26.16 5.49 8.79
CA GLY C 46 25.92 4.10 8.39
C GLY C 46 24.45 3.75 8.19
N ASP C 47 23.59 4.08 9.16
CA ASP C 47 22.17 3.71 8.99
C ASP C 47 21.65 4.37 7.72
N ALA C 48 21.97 5.65 7.61
CA ALA C 48 21.41 6.50 6.51
C ALA C 48 21.91 6.04 5.15
N MET C 49 23.14 5.56 5.08
CA MET C 49 23.67 4.95 3.85
C MET C 49 22.75 3.77 3.54
N ASP C 50 22.86 2.82 4.40
CA ASP C 50 22.09 1.56 4.34
C ASP C 50 20.70 1.82 3.83
N PHE C 51 19.96 2.67 4.51
CA PHE C 51 18.56 3.03 4.12
C PHE C 51 18.56 3.54 2.67
N ASN C 52 19.43 4.52 2.33
CA ASN C 52 19.44 5.07 0.99
C ASN C 52 19.74 4.03 -0.09
N HIS C 53 20.52 3.00 0.14
CA HIS C 53 20.72 2.03 -0.98
C HIS C 53 19.47 1.21 -1.23
N GLY C 54 18.58 0.96 -0.27
CA GLY C 54 17.44 0.10 -0.62
C GLY C 54 16.27 0.84 -1.21
N LYS C 55 16.20 2.11 -0.88
CA LYS C 55 15.19 3.12 -1.23
C LYS C 55 14.31 2.76 -2.42
N VAL C 56 14.97 2.76 -3.59
CA VAL C 56 14.46 2.48 -4.92
C VAL C 56 13.41 1.39 -5.12
N PHE C 57 13.49 0.46 -4.23
CA PHE C 57 12.73 -0.72 -3.99
C PHE C 57 11.44 -0.47 -3.17
N ALA C 58 11.53 0.60 -2.36
CA ALA C 58 10.32 1.03 -1.59
C ALA C 58 9.65 2.11 -2.43
N PRO C 59 8.62 2.75 -1.86
CA PRO C 59 7.93 3.86 -2.57
C PRO C 59 8.14 5.33 -2.21
N LYS C 60 9.36 5.83 -2.05
CA LYS C 60 9.73 7.24 -2.15
C LYS C 60 9.99 8.20 -1.01
N PRO C 61 10.99 8.02 -0.16
CA PRO C 61 11.09 8.89 1.05
C PRO C 61 12.48 9.48 1.02
N VAL C 62 12.75 10.40 1.90
CA VAL C 62 14.16 10.94 1.84
C VAL C 62 14.73 10.83 3.23
N ASP C 63 16.04 10.62 3.27
CA ASP C 63 16.78 10.17 4.45
C ASP C 63 18.13 10.90 4.40
N ILE C 64 18.41 11.57 5.45
CA ILE C 64 19.48 12.58 5.55
C ILE C 64 20.08 12.09 6.88
N TRP C 65 21.24 12.55 7.24
CA TRP C 65 21.53 12.63 8.71
C TRP C 65 21.93 14.09 8.96
N ASP C 68 22.92 18.46 12.72
CA ASP C 68 22.18 18.68 13.90
C ASP C 68 20.70 19.08 13.76
N TYR C 69 20.35 19.55 14.98
CA TYR C 69 19.02 19.88 15.39
C TYR C 69 18.42 20.93 14.49
N ASP C 70 19.31 21.55 13.73
CA ASP C 70 18.84 22.64 12.82
C ASP C 70 17.87 22.00 11.84
N ASP C 71 17.70 20.68 11.94
CA ASP C 71 16.73 20.07 10.99
C ASP C 71 15.33 20.22 11.57
N CYS C 72 15.26 20.53 12.85
CA CYS C 72 14.00 20.61 13.60
C CYS C 72 13.49 22.05 13.55
N ARG C 73 12.89 22.39 12.43
CA ARG C 73 12.51 23.82 12.17
C ARG C 73 11.79 23.82 10.83
N ASP C 74 10.55 23.33 10.98
CA ASP C 74 9.65 23.04 9.83
C ASP C 74 9.65 21.52 9.65
N ALA C 75 10.13 20.94 10.73
CA ALA C 75 10.22 19.50 10.95
C ALA C 75 8.89 19.18 11.61
N ASP C 76 7.98 18.55 10.95
CA ASP C 76 6.67 18.25 11.48
C ASP C 76 6.66 17.55 12.82
N LEU C 77 7.59 16.67 13.10
CA LEU C 77 7.58 15.89 14.37
C LEU C 77 8.96 15.32 14.66
N VAL C 78 9.28 15.18 15.92
CA VAL C 78 10.52 14.71 16.49
C VAL C 78 10.33 13.49 17.38
N VAL C 79 10.89 12.35 17.03
CA VAL C 79 10.63 11.13 17.85
C VAL C 79 11.81 10.84 18.72
N ILE C 80 11.74 10.87 20.04
CA ILE C 80 13.02 10.67 20.79
C ILE C 80 13.18 9.21 21.19
N CYS C 81 14.17 8.62 20.53
CA CYS C 81 14.50 7.20 20.68
C CYS C 81 15.81 7.07 21.45
N ALA C 82 16.27 8.14 22.07
CA ALA C 82 17.58 8.22 22.73
C ALA C 82 17.49 7.83 24.19
N GLY C 83 18.58 7.23 24.70
CA GLY C 83 18.59 6.75 26.06
C GLY C 83 19.74 6.00 26.68
N ALA C 84 19.90 6.20 27.99
CA ALA C 84 20.70 5.45 28.91
C ALA C 84 20.08 4.02 29.01
N LEU C 93 16.07 4.93 39.54
CA LEU C 93 15.92 6.37 39.63
C LEU C 93 17.28 6.95 39.20
N ASP C 94 18.26 6.09 39.11
CA ASP C 94 19.60 6.48 38.61
C ASP C 94 19.63 6.07 37.14
N LEU C 95 18.41 6.18 36.63
CA LEU C 95 18.00 5.94 35.26
C LEU C 95 17.18 7.17 34.83
N VAL C 96 16.12 7.28 35.59
CA VAL C 96 15.21 8.43 35.56
C VAL C 96 16.07 9.68 35.67
N ASP C 97 17.21 9.57 36.38
CA ASP C 97 18.04 10.78 36.56
C ASP C 97 19.04 10.79 35.37
N LYS C 98 19.36 9.62 34.86
CA LYS C 98 20.31 9.60 33.70
C LYS C 98 19.67 10.19 32.45
N ASN C 99 18.56 9.61 32.03
CA ASN C 99 17.73 9.98 30.90
C ASN C 99 17.14 11.38 31.02
N ILE C 100 16.72 11.70 32.24
CA ILE C 100 16.15 13.08 32.41
C ILE C 100 17.28 14.00 31.93
N ALA C 101 18.41 13.58 32.44
CA ALA C 101 19.70 14.25 32.18
C ALA C 101 19.97 14.38 30.69
N ILE C 102 19.93 13.25 29.99
CA ILE C 102 20.15 13.08 28.57
C ILE C 102 19.18 14.01 27.81
N PHE C 103 17.91 13.73 28.07
CA PHE C 103 16.71 14.34 27.62
C PHE C 103 16.71 15.87 27.72
N ARG C 104 17.27 16.32 28.86
CA ARG C 104 17.29 17.74 29.22
C ARG C 104 18.09 18.48 28.17
N SER C 105 19.09 17.79 27.63
CA SER C 105 19.78 18.42 26.46
C SER C 105 19.08 18.24 25.14
N ILE C 106 18.36 17.14 24.94
CA ILE C 106 17.75 16.89 23.63
C ILE C 106 16.72 18.00 23.35
N VAL C 107 15.81 18.17 24.31
CA VAL C 107 14.64 19.03 24.02
C VAL C 107 15.17 20.43 23.70
N GLU C 108 15.89 20.93 24.74
CA GLU C 108 16.54 22.24 24.72
C GLU C 108 17.12 22.43 23.32
N SER C 109 18.01 21.50 22.97
CA SER C 109 18.69 21.61 21.67
C SER C 109 17.71 21.77 20.52
N VAL C 110 16.61 21.09 20.50
CA VAL C 110 15.70 21.05 19.33
C VAL C 110 14.79 22.29 19.39
N MET C 111 14.56 22.64 20.65
CA MET C 111 13.69 23.79 21.00
C MET C 111 14.45 25.02 20.51
N ALA C 112 15.76 24.95 20.77
CA ALA C 112 16.64 26.09 20.41
C ALA C 112 16.83 26.22 18.92
N SER C 113 16.05 25.53 18.13
CA SER C 113 16.15 25.58 16.67
C SER C 113 14.90 26.26 16.13
N GLY C 114 14.04 26.60 17.08
CA GLY C 114 12.72 27.21 16.76
C GLY C 114 11.74 26.14 16.30
N PHE C 115 11.83 24.99 16.92
CA PHE C 115 10.86 23.90 16.65
C PHE C 115 9.46 24.47 16.93
N GLN C 116 8.50 24.03 16.16
CA GLN C 116 7.09 24.33 16.37
C GLN C 116 6.21 23.07 16.33
N GLY C 117 6.66 21.86 16.48
CA GLY C 117 5.84 20.70 16.13
C GLY C 117 5.36 19.83 17.23
N LEU C 118 5.47 18.50 16.99
CA LEU C 118 5.07 17.53 18.04
C LEU C 118 6.25 16.66 18.51
N PHE C 119 6.22 16.22 19.74
CA PHE C 119 7.14 15.21 20.26
C PHE C 119 6.53 13.81 20.42
N LEU C 120 7.31 12.79 20.00
CA LEU C 120 6.92 11.38 20.23
C LEU C 120 8.03 10.76 21.08
N VAL C 121 7.72 10.60 22.35
CA VAL C 121 8.74 9.98 23.26
C VAL C 121 8.48 8.47 23.28
N ALA C 122 9.52 7.68 23.10
CA ALA C 122 9.44 6.23 23.26
C ALA C 122 10.48 5.63 24.18
N THR C 123 11.30 6.36 24.84
CA THR C 123 12.42 5.98 25.70
C THR C 123 11.92 5.53 27.04
N ASN C 124 12.45 4.50 27.70
CA ASN C 124 11.89 4.25 29.10
C ASN C 124 12.62 5.18 30.07
N PRO C 125 12.00 5.57 31.17
CA PRO C 125 10.60 5.14 31.51
C PRO C 125 9.65 6.13 30.87
N VAL C 126 8.95 5.78 29.80
CA VAL C 126 8.20 6.69 28.95
C VAL C 126 7.27 7.68 29.58
N ASP C 127 6.42 7.32 30.52
CA ASP C 127 5.35 8.26 31.00
C ASP C 127 6.12 9.41 31.66
N ILE C 128 7.23 9.02 32.23
CA ILE C 128 8.04 9.93 33.02
C ILE C 128 8.87 10.83 32.07
N LEU C 129 9.46 10.18 31.08
CA LEU C 129 10.33 10.91 30.15
C LEU C 129 9.42 11.75 29.26
N THR C 130 8.17 11.24 29.19
CA THR C 130 7.18 12.04 28.44
C THR C 130 6.81 13.26 29.25
N TYR C 131 6.76 13.13 30.57
CA TYR C 131 6.33 14.31 31.36
C TYR C 131 7.40 15.41 31.26
N ALA C 132 8.64 14.92 31.30
CA ALA C 132 9.88 15.67 31.40
C ALA C 132 10.12 16.46 30.13
N THR C 133 9.61 15.85 29.06
CA THR C 133 9.84 16.34 27.70
C THR C 133 8.94 17.53 27.56
N TRP C 134 7.84 17.49 28.25
CA TRP C 134 6.85 18.59 28.25
C TRP C 134 7.34 19.77 29.07
N LYS C 135 7.73 19.43 30.29
CA LYS C 135 8.26 20.46 31.22
C LYS C 135 9.41 21.15 30.47
N PHE C 136 10.33 20.34 29.95
CA PHE C 136 11.43 20.88 29.16
C PHE C 136 10.96 21.48 27.84
N SER C 137 9.83 21.18 27.31
CA SER C 137 9.55 21.63 25.93
C SER C 137 9.05 23.07 26.01
N GLY C 138 8.17 23.22 26.99
CA GLY C 138 7.36 24.47 27.14
C GLY C 138 5.96 24.09 26.58
N LEU C 139 6.06 23.40 25.46
CA LEU C 139 4.89 22.95 24.72
C LEU C 139 3.67 22.49 25.51
N PRO C 140 2.55 22.92 24.96
CA PRO C 140 1.25 22.39 25.37
C PRO C 140 1.33 20.87 25.40
N HIS C 141 0.73 20.29 26.41
CA HIS C 141 0.61 18.87 26.65
C HIS C 141 -0.28 18.17 25.66
N GLU C 142 -0.72 18.80 24.58
CA GLU C 142 -1.56 18.07 23.58
C GLU C 142 -0.62 17.74 22.41
N ARG C 143 0.55 18.38 22.51
CA ARG C 143 1.58 18.24 21.47
C ARG C 143 2.78 17.44 21.94
N VAL C 144 2.75 16.95 23.18
CA VAL C 144 3.81 16.07 23.68
C VAL C 144 3.16 14.73 24.04
N ILE C 145 3.38 13.76 23.19
CA ILE C 145 2.86 12.43 23.19
C ILE C 145 3.89 11.39 23.61
N GLY C 146 3.48 10.59 24.62
CA GLY C 146 4.10 9.33 24.95
C GLY C 146 3.61 8.13 24.12
N SER C 147 4.60 7.29 23.90
CA SER C 147 4.44 5.91 23.34
C SER C 147 3.43 5.12 24.16
N GLY C 148 3.51 5.24 25.50
CA GLY C 148 2.70 4.67 26.50
C GLY C 148 2.27 3.23 26.42
N THR C 149 1.00 2.91 26.56
CA THR C 149 0.65 1.47 26.68
C THR C 149 0.26 0.91 25.31
N ILE C 150 0.85 1.47 24.25
CA ILE C 150 0.42 1.10 22.88
C ILE C 150 0.83 -0.32 22.57
N LEU C 151 2.04 -0.64 22.85
CA LEU C 151 2.55 -2.00 22.51
C LEU C 151 1.82 -3.01 23.38
N ASP C 152 1.53 -2.62 24.57
CA ASP C 152 0.91 -3.46 25.61
C ASP C 152 -0.45 -4.00 25.12
N THR C 153 -1.36 -3.17 24.72
CA THR C 153 -2.62 -3.24 24.08
C THR C 153 -2.56 -4.08 22.80
N ALA C 154 -1.45 -3.93 22.06
CA ALA C 154 -1.19 -4.76 20.88
C ALA C 154 -0.87 -6.21 21.29
N ARG C 155 -0.12 -6.34 22.35
CA ARG C 155 0.41 -7.63 22.79
C ARG C 155 -0.81 -8.40 23.28
N PHE C 156 -1.75 -7.56 23.70
CA PHE C 156 -2.93 -8.03 24.48
C PHE C 156 -3.92 -8.49 23.41
N ARG C 157 -4.21 -7.52 22.55
CA ARG C 157 -5.06 -7.75 21.36
C ARG C 157 -4.62 -8.95 20.56
N PHE C 158 -3.37 -9.07 20.24
CA PHE C 158 -2.72 -10.25 19.73
C PHE C 158 -2.98 -11.52 20.54
N LEU C 159 -2.50 -11.80 21.70
CA LEU C 159 -2.79 -12.97 22.50
C LEU C 159 -4.28 -13.33 22.49
N LEU C 160 -5.15 -12.39 22.70
CA LEU C 160 -6.58 -12.67 22.78
C LEU C 160 -7.09 -13.23 21.44
N GLY C 161 -6.75 -12.46 20.43
CA GLY C 161 -7.22 -12.64 19.06
C GLY C 161 -6.78 -14.05 18.60
N GLU C 162 -5.64 -14.35 19.14
CA GLU C 162 -4.85 -15.58 18.93
C GLU C 162 -5.61 -16.76 19.51
N TYR C 163 -6.12 -16.51 20.67
CA TYR C 163 -6.96 -17.32 21.51
C TYR C 163 -8.27 -17.67 20.79
N PHE C 164 -9.02 -16.61 20.53
CA PHE C 164 -10.33 -16.62 19.91
C PHE C 164 -10.29 -16.95 18.42
N SER C 165 -9.11 -16.85 17.86
CA SER C 165 -8.97 -17.33 16.44
C SER C 165 -9.41 -16.29 15.43
N VAL C 166 -9.95 -15.17 15.89
CA VAL C 166 -10.28 -14.04 15.01
C VAL C 166 -8.94 -13.32 14.80
N ALA C 167 -9.03 -12.09 14.37
CA ALA C 167 -7.86 -11.22 14.11
C ALA C 167 -7.77 -10.19 15.22
N PRO C 168 -6.57 -9.83 15.65
CA PRO C 168 -6.37 -8.84 16.71
C PRO C 168 -7.14 -7.54 16.47
N GLN C 169 -7.39 -7.29 15.21
CA GLN C 169 -8.09 -6.20 14.60
C GLN C 169 -9.57 -6.24 14.89
N ASN C 170 -10.14 -7.35 15.33
CA ASN C 170 -11.55 -7.38 15.80
C ASN C 170 -11.59 -7.41 17.34
N VAL C 171 -10.43 -7.66 17.97
CA VAL C 171 -10.40 -7.60 19.44
C VAL C 171 -10.40 -6.12 19.87
N HIS C 172 -11.32 -5.79 20.77
CA HIS C 172 -11.29 -4.43 21.34
C HIS C 172 -11.10 -4.52 22.83
N ALA C 173 -9.84 -4.40 23.26
CA ALA C 173 -9.42 -4.39 24.68
C ALA C 173 -8.24 -3.45 24.90
N TYR C 174 -8.23 -2.54 25.87
CA TYR C 174 -7.17 -1.63 26.24
C TYR C 174 -6.36 -2.04 27.47
N ILE C 175 -5.07 -1.68 27.43
CA ILE C 175 -4.17 -1.73 28.62
C ILE C 175 -3.90 -0.27 28.95
N ILE C 176 -4.14 0.14 30.16
CA ILE C 176 -4.15 1.59 30.55
C ILE C 176 -3.21 1.62 31.73
N GLY C 177 -2.84 2.77 32.22
CA GLY C 177 -1.94 2.84 33.40
C GLY C 177 -0.49 2.93 33.02
N GLU C 178 0.40 2.58 33.94
CA GLU C 178 1.85 2.74 33.67
C GLU C 178 2.23 1.65 32.65
N HIS C 179 2.92 2.19 31.60
CA HIS C 179 3.51 1.18 30.66
C HIS C 179 4.65 0.59 31.47
N GLY C 180 4.35 -0.43 32.21
CA GLY C 180 5.30 -1.06 33.10
C GLY C 180 4.50 -2.07 33.96
N ASP C 181 5.05 -2.19 35.20
CA ASP C 181 4.50 -3.10 36.18
C ASP C 181 3.08 -2.76 36.64
N THR C 182 2.86 -1.45 36.83
CA THR C 182 1.60 -1.03 37.47
C THR C 182 0.41 -1.01 36.52
N GLU C 183 0.61 -1.30 35.27
CA GLU C 183 -0.51 -1.13 34.30
C GLU C 183 -1.59 -2.16 34.56
N LEU C 184 -2.77 -1.88 34.07
CA LEU C 184 -3.92 -2.79 34.20
C LEU C 184 -4.70 -2.93 32.90
N PRO C 185 -5.24 -4.13 32.73
CA PRO C 185 -6.15 -4.43 31.61
C PRO C 185 -7.55 -4.01 32.04
N VAL C 186 -8.18 -3.20 31.22
CA VAL C 186 -9.60 -2.81 31.36
C VAL C 186 -10.41 -3.99 30.83
N TRP C 187 -10.64 -4.98 31.66
CA TRP C 187 -11.48 -6.14 31.31
C TRP C 187 -12.96 -5.76 31.19
N SER C 188 -13.46 -4.98 32.12
CA SER C 188 -14.85 -4.58 32.20
C SER C 188 -15.35 -4.14 30.82
N GLN C 189 -14.49 -3.43 30.09
CA GLN C 189 -14.90 -2.95 28.75
C GLN C 189 -14.09 -3.59 27.62
N ALA C 190 -14.15 -4.90 27.41
CA ALA C 190 -13.22 -5.52 26.44
C ALA C 190 -14.01 -6.41 25.51
N TYR C 191 -14.04 -6.14 24.21
CA TYR C 191 -15.00 -6.85 23.34
C TYR C 191 -14.29 -7.58 22.23
N ILE C 192 -15.04 -8.39 21.52
CA ILE C 192 -14.61 -8.96 20.23
C ILE C 192 -15.76 -8.56 19.31
N GLY C 193 -15.48 -7.45 18.67
CA GLY C 193 -16.50 -6.78 17.78
C GLY C 193 -17.32 -6.07 18.89
N VAL C 194 -18.48 -6.61 19.08
CA VAL C 194 -19.48 -6.08 20.02
C VAL C 194 -19.89 -7.09 21.07
N MET C 195 -19.33 -8.29 21.02
CA MET C 195 -19.60 -9.32 22.02
C MET C 195 -18.64 -9.16 23.20
N PRO C 196 -19.15 -8.73 24.32
CA PRO C 196 -18.36 -8.65 25.56
C PRO C 196 -17.73 -9.98 25.87
N ILE C 197 -16.84 -10.01 26.83
CA ILE C 197 -16.24 -11.32 27.30
C ILE C 197 -16.96 -11.93 28.49
N ARG C 198 -18.13 -12.42 28.20
CA ARG C 198 -19.35 -13.06 28.38
C ARG C 198 -19.40 -14.32 27.46
N LYS C 199 -18.28 -14.45 26.76
CA LYS C 199 -17.92 -15.61 25.96
C LYS C 199 -17.20 -16.62 26.85
N LEU C 200 -16.83 -16.16 28.01
CA LEU C 200 -16.13 -16.87 29.04
C LEU C 200 -16.49 -16.21 30.37
N VAL C 201 -16.49 -16.93 31.46
CA VAL C 201 -16.93 -16.33 32.74
C VAL C 201 -15.98 -16.58 33.90
N GLU C 202 -15.86 -15.50 34.68
CA GLU C 202 -14.75 -15.31 35.65
C GLU C 202 -14.14 -13.95 35.21
N SER C 203 -13.89 -13.99 33.88
CA SER C 203 -13.46 -12.90 33.06
C SER C 203 -13.04 -11.63 33.82
N LYS C 204 -14.00 -10.72 33.95
CA LYS C 204 -13.73 -9.41 34.55
C LYS C 204 -12.82 -9.58 35.76
N ASP C 211 -7.08 -18.67 32.59
CA ASP C 211 -6.83 -18.88 31.16
C ASP C 211 -6.59 -17.52 30.48
N LEU C 212 -7.20 -16.50 31.05
CA LEU C 212 -7.28 -15.14 30.66
C LEU C 212 -6.55 -14.22 31.62
N GLU C 213 -6.54 -14.47 32.92
CA GLU C 213 -5.65 -13.56 33.72
C GLU C 213 -4.23 -14.06 33.51
N ARG C 214 -4.16 -14.92 32.50
CA ARG C 214 -3.00 -15.65 32.01
C ARG C 214 -2.43 -14.87 30.80
N ILE C 215 -3.43 -14.66 29.93
CA ILE C 215 -3.24 -13.89 28.75
C ILE C 215 -2.62 -12.55 29.14
N PHE C 216 -3.19 -11.93 30.14
CA PHE C 216 -2.76 -10.62 30.63
C PHE C 216 -1.42 -10.71 31.36
N VAL C 217 -1.07 -11.83 31.99
CA VAL C 217 0.28 -11.92 32.62
C VAL C 217 1.40 -12.00 31.60
N ASN C 218 1.13 -12.52 30.45
CA ASN C 218 2.08 -12.63 29.33
C ASN C 218 2.23 -11.28 28.64
N VAL C 219 1.03 -10.72 28.44
CA VAL C 219 0.94 -9.35 27.96
C VAL C 219 1.88 -8.46 28.80
N ARG C 220 2.03 -8.80 30.06
CA ARG C 220 2.75 -7.95 31.01
C ARG C 220 4.17 -8.39 31.28
N ASP C 221 4.50 -9.64 31.08
CA ASP C 221 5.86 -10.15 31.28
C ASP C 221 6.54 -10.34 29.94
N ALA C 222 5.94 -9.77 28.90
CA ALA C 222 6.44 -9.94 27.52
C ALA C 222 7.84 -9.40 27.27
N ALA C 223 8.15 -8.22 27.81
CA ALA C 223 9.43 -7.55 27.55
C ALA C 223 10.61 -8.43 28.02
N TYR C 224 10.44 -8.73 29.32
CA TYR C 224 11.40 -9.62 30.01
C TYR C 224 11.72 -10.89 29.21
N GLN C 225 10.70 -11.48 28.66
CA GLN C 225 10.76 -12.80 27.99
C GLN C 225 11.34 -12.70 26.59
N ILE C 226 11.11 -11.63 25.90
CA ILE C 226 11.69 -11.30 24.58
C ILE C 226 13.14 -10.85 24.62
N ILE C 227 13.54 -10.26 25.74
CA ILE C 227 14.84 -9.62 25.97
C ILE C 227 15.90 -10.70 26.24
N GLU C 228 15.34 -11.69 26.91
CA GLU C 228 15.95 -12.85 27.51
C GLU C 228 16.29 -13.90 26.46
N LYS C 229 15.61 -13.86 25.32
CA LYS C 229 16.08 -14.76 24.24
C LYS C 229 16.59 -13.94 23.06
N LYS C 230 16.71 -12.64 23.23
CA LYS C 230 17.15 -11.83 22.07
C LYS C 230 17.79 -10.53 22.43
N GLY C 231 17.82 -10.21 23.71
CA GLY C 231 18.48 -8.99 24.19
C GLY C 231 17.64 -7.73 24.20
N ALA C 232 16.43 -7.75 23.62
CA ALA C 232 15.73 -6.47 23.47
C ALA C 232 14.50 -6.59 22.59
N THR C 233 13.57 -5.70 22.87
CA THR C 233 12.40 -5.44 22.00
C THR C 233 12.68 -4.18 21.17
N TYR C 234 12.47 -4.30 19.84
CA TYR C 234 12.62 -3.14 18.94
C TYR C 234 11.67 -3.21 17.78
N TYR C 235 11.35 -4.35 17.20
CA TYR C 235 10.32 -4.39 16.14
C TYR C 235 8.94 -3.93 16.57
N GLY C 236 8.40 -4.46 17.66
CA GLY C 236 7.13 -4.20 18.27
C GLY C 236 6.84 -2.71 18.41
N ILE C 237 7.72 -2.09 19.23
CA ILE C 237 7.54 -0.64 19.45
C ILE C 237 7.42 0.16 18.15
N ALA C 238 8.39 0.17 17.27
CA ALA C 238 8.37 0.72 15.93
C ALA C 238 7.07 0.43 15.17
N MET C 239 6.46 -0.74 15.36
CA MET C 239 5.18 -0.91 14.63
C MET C 239 4.24 0.16 15.22
N GLY C 240 4.28 0.18 16.55
CA GLY C 240 3.30 0.96 17.38
C GLY C 240 3.50 2.46 17.16
N LEU C 241 4.75 2.78 17.12
CA LEU C 241 5.41 4.04 16.94
C LEU C 241 5.22 4.52 15.51
N ALA C 242 5.00 3.53 14.63
CA ALA C 242 4.73 3.96 13.24
C ALA C 242 3.22 4.13 13.13
N ARG C 243 2.39 3.68 14.02
CA ARG C 243 0.92 3.79 13.94
C ARG C 243 0.52 5.22 14.26
N VAL C 244 0.90 5.69 15.44
CA VAL C 244 0.75 7.06 15.93
C VAL C 244 1.27 8.06 14.87
N THR C 245 2.44 7.68 14.33
CA THR C 245 3.02 8.52 13.27
C THR C 245 1.96 8.68 12.19
N ARG C 246 1.44 7.57 11.80
CA ARG C 246 0.43 7.53 10.73
C ARG C 246 -0.75 8.40 11.15
N ALA C 247 -1.26 8.19 12.35
CA ALA C 247 -2.35 8.97 12.95
C ALA C 247 -2.07 10.49 12.93
N ILE C 248 -0.89 10.83 13.42
CA ILE C 248 -0.56 12.27 13.49
C ILE C 248 -0.68 12.82 12.07
N LEU C 249 0.21 12.29 11.24
CA LEU C 249 0.49 12.87 9.91
C LEU C 249 -0.70 12.90 8.99
N HIS C 250 -1.72 12.09 9.25
CA HIS C 250 -2.81 11.85 8.31
C HIS C 250 -4.15 12.27 8.89
N ASN C 251 -4.03 12.93 10.02
CA ASN C 251 -5.17 13.59 10.72
C ASN C 251 -6.23 12.58 11.06
N GLU C 252 -5.79 11.36 11.37
CA GLU C 252 -6.71 10.21 11.40
C GLU C 252 -7.86 10.47 12.38
N ASN C 253 -7.71 11.20 13.44
CA ASN C 253 -8.69 11.30 14.53
C ASN C 253 -8.95 9.88 15.06
N ALA C 254 -7.88 9.16 15.33
CA ALA C 254 -7.98 7.78 15.84
C ALA C 254 -7.79 7.66 17.35
N ILE C 255 -8.35 6.58 17.88
CA ILE C 255 -8.30 6.41 19.34
C ILE C 255 -7.22 5.34 19.63
N LEU C 256 -6.01 5.85 19.86
CA LEU C 256 -4.90 5.05 20.34
C LEU C 256 -4.67 5.25 21.85
N THR C 257 -4.21 4.14 22.42
CA THR C 257 -3.88 4.19 23.86
C THR C 257 -2.46 4.69 24.13
N VAL C 258 -2.36 5.99 24.19
CA VAL C 258 -1.12 6.73 24.38
C VAL C 258 -0.87 7.01 25.85
N SER C 259 0.10 7.86 26.07
CA SER C 259 0.74 8.48 27.17
C SER C 259 0.45 9.99 27.16
N ALA C 260 -0.71 10.27 27.72
CA ALA C 260 -1.38 11.56 27.75
C ALA C 260 -1.29 12.16 29.14
N TYR C 261 -1.42 13.47 29.15
CA TYR C 261 -1.51 14.27 30.38
C TYR C 261 -2.92 14.27 30.99
N LEU C 262 -3.00 13.69 32.20
CA LEU C 262 -4.28 13.65 32.91
C LEU C 262 -4.55 15.00 33.65
N ASP C 263 -5.63 15.46 33.10
CA ASP C 263 -6.41 16.64 33.19
C ASP C 263 -7.04 16.92 34.56
N GLY C 264 -7.45 15.84 35.21
CA GLY C 264 -8.29 15.73 36.37
C GLY C 264 -9.25 14.54 36.06
N LEU C 265 -9.01 14.04 34.85
CA LEU C 265 -9.84 12.91 34.27
C LEU C 265 -9.33 11.62 34.91
N TYR C 266 -10.24 10.74 35.16
CA TYR C 266 -9.89 9.53 35.99
C TYR C 266 -9.58 10.08 37.38
N GLY C 267 -9.78 11.39 37.43
CA GLY C 267 -9.70 12.10 38.73
C GLY C 267 -8.23 12.05 39.18
N GLU C 268 -7.35 12.23 38.19
CA GLU C 268 -5.90 12.33 38.49
C GLU C 268 -5.43 13.67 37.95
N ARG C 269 -4.29 14.21 38.38
CA ARG C 269 -4.17 15.66 38.17
C ARG C 269 -2.85 16.18 37.73
N ASP C 270 -1.77 15.46 37.67
CA ASP C 270 -0.48 16.06 37.18
C ASP C 270 0.48 14.92 37.05
N VAL C 271 0.15 14.03 36.13
CA VAL C 271 0.79 12.75 35.82
C VAL C 271 0.61 12.56 34.33
N TYR C 272 1.62 12.06 33.65
CA TYR C 272 1.30 11.68 32.20
C TYR C 272 0.96 10.18 32.36
N ILE C 273 0.06 9.63 31.61
CA ILE C 273 -0.21 8.20 31.82
C ILE C 273 -1.01 7.60 30.69
N GLY C 274 -0.88 6.28 30.49
CA GLY C 274 -1.41 5.46 29.45
C GLY C 274 -2.94 5.40 29.45
N VAL C 275 -3.49 5.98 28.41
CA VAL C 275 -4.93 6.32 28.33
C VAL C 275 -5.32 6.31 26.84
N PRO C 276 -6.57 6.03 26.55
CA PRO C 276 -7.14 6.27 25.24
C PRO C 276 -7.12 7.77 24.92
N ALA C 277 -6.50 8.16 23.81
CA ALA C 277 -6.60 9.60 23.45
C ALA C 277 -7.01 9.61 22.00
N VAL C 278 -7.42 10.70 21.44
CA VAL C 278 -7.73 10.85 20.05
C VAL C 278 -6.59 11.64 19.38
N ILE C 279 -5.98 10.94 18.42
CA ILE C 279 -4.71 11.48 17.81
C ILE C 279 -5.15 12.13 16.55
N ASN C 280 -4.42 13.06 16.03
CA ASN C 280 -4.67 13.59 14.66
C ASN C 280 -3.57 14.67 14.53
N ARG C 281 -3.59 15.38 13.43
CA ARG C 281 -2.44 16.08 12.89
C ARG C 281 -1.99 17.23 13.76
N ASN C 282 -2.72 17.46 14.85
CA ASN C 282 -2.31 18.59 15.72
C ASN C 282 -1.98 18.16 17.13
N GLY C 283 -1.57 16.97 17.39
CA GLY C 283 -1.21 16.47 18.77
C GLY C 283 -2.30 15.51 19.22
N ILE C 284 -2.79 15.70 20.42
CA ILE C 284 -3.96 15.03 20.98
C ILE C 284 -5.17 15.98 20.86
N ARG C 285 -6.27 15.34 20.52
CA ARG C 285 -7.56 16.04 20.49
C ARG C 285 -8.13 16.04 21.91
N GLU C 286 -8.29 14.88 22.50
CA GLU C 286 -9.00 14.78 23.79
C GLU C 286 -8.74 13.38 24.34
N VAL C 287 -8.66 13.26 25.60
CA VAL C 287 -8.57 12.00 26.35
C VAL C 287 -9.97 11.44 26.50
N ILE C 288 -10.11 10.18 26.69
CA ILE C 288 -11.42 9.50 26.86
C ILE C 288 -11.38 8.93 28.27
N GLU C 289 -12.51 8.97 28.95
CA GLU C 289 -12.62 8.26 30.25
C GLU C 289 -13.40 6.99 30.04
N ILE C 290 -12.76 5.88 29.69
CA ILE C 290 -13.58 4.61 29.59
C ILE C 290 -14.26 4.50 30.94
N GLU C 291 -15.45 3.94 30.99
CA GLU C 291 -16.11 3.84 32.33
C GLU C 291 -15.52 2.66 33.09
N LEU C 292 -14.46 3.01 33.82
CA LEU C 292 -13.67 1.99 34.52
C LEU C 292 -14.51 1.53 35.73
N ASN C 293 -14.33 0.28 35.96
CA ASN C 293 -14.94 -0.60 36.93
C ASN C 293 -14.45 -0.23 38.32
N ASP C 294 -14.92 -0.92 39.34
CA ASP C 294 -14.50 -0.74 40.71
C ASP C 294 -13.01 -1.04 40.85
N ASP C 295 -12.65 -2.26 40.55
CA ASP C 295 -11.25 -2.63 40.95
C ASP C 295 -10.28 -1.89 40.04
N GLU C 296 -10.81 -1.38 38.94
CA GLU C 296 -9.90 -0.74 37.95
C GLU C 296 -9.54 0.61 38.47
N LYS C 297 -10.53 1.34 38.96
CA LYS C 297 -10.28 2.73 39.44
C LYS C 297 -9.16 2.73 40.47
N ASN C 298 -9.08 1.63 41.17
CA ASN C 298 -8.19 1.40 42.33
C ASN C 298 -6.79 1.03 41.82
N ARG C 299 -6.80 0.31 40.72
CA ARG C 299 -5.60 -0.14 40.03
C ARG C 299 -4.99 1.07 39.32
N PHE C 300 -5.89 1.70 38.59
CA PHE C 300 -5.51 2.93 37.88
C PHE C 300 -4.92 3.91 38.90
N HIS C 301 -5.59 4.01 40.04
CA HIS C 301 -5.22 5.07 41.01
C HIS C 301 -3.82 4.85 41.55
N HIS C 302 -3.49 3.62 41.85
CA HIS C 302 -2.25 3.09 42.40
C HIS C 302 -1.02 3.31 41.50
N SER C 303 -1.33 3.04 40.23
CA SER C 303 -0.53 3.11 39.06
C SER C 303 -0.14 4.57 38.80
N ALA C 304 -1.16 5.40 38.82
CA ALA C 304 -0.93 6.83 38.51
C ALA C 304 -0.08 7.39 39.64
N ALA C 305 -0.38 6.85 40.80
CA ALA C 305 0.30 7.26 42.04
C ALA C 305 1.74 6.74 42.05
N THR C 306 2.01 5.67 41.33
CA THR C 306 3.42 5.12 41.36
C THR C 306 4.28 6.11 40.58
N LEU C 307 3.60 6.70 39.57
CA LEU C 307 4.30 7.66 38.69
C LEU C 307 4.41 9.00 39.39
N LYS C 308 3.28 9.47 39.86
CA LYS C 308 3.23 10.88 40.39
C LYS C 308 4.33 11.01 41.42
N SER C 309 4.85 9.85 41.86
CA SER C 309 5.88 9.73 42.88
C SER C 309 7.31 9.97 42.39
N VAL C 310 7.65 9.07 41.47
CA VAL C 310 8.93 9.08 40.74
C VAL C 310 9.13 10.48 40.16
N LEU C 311 7.99 11.12 39.97
CA LEU C 311 7.93 12.46 39.38
C LEU C 311 8.45 13.54 40.33
N ALA C 312 8.05 13.44 41.58
CA ALA C 312 8.52 14.40 42.61
C ALA C 312 9.81 13.90 43.26
N ARG C 313 9.95 12.58 43.30
CA ARG C 313 11.20 11.99 43.79
C ARG C 313 12.34 12.56 42.92
N ALA C 314 12.33 12.08 41.69
CA ALA C 314 13.36 12.40 40.70
C ALA C 314 13.33 13.89 40.35
N PHE C 315 13.56 14.05 39.05
CA PHE C 315 13.58 15.34 38.38
C PHE C 315 15.02 15.84 38.32
N THR C 316 15.26 16.83 39.18
CA THR C 316 16.59 17.49 39.16
C THR C 316 17.17 17.37 37.75
N ARG C 317 18.05 16.39 37.64
CA ARG C 317 18.66 15.95 36.40
C ARG C 317 18.31 14.48 36.11
N MET D 1 -4.99 24.12 16.18
CA MET D 1 -5.60 25.19 15.37
C MET D 1 -7.08 24.85 15.12
N LYS D 2 -7.36 24.46 13.90
CA LYS D 2 -8.69 24.00 13.46
C LYS D 2 -8.64 22.48 13.25
N ASN D 3 -8.98 22.11 12.04
CA ASN D 3 -8.68 20.74 11.51
C ASN D 3 -8.02 21.02 10.14
N ASN D 4 -6.72 20.79 10.12
CA ASN D 4 -5.85 21.06 8.97
C ASN D 4 -6.18 20.22 7.73
N GLY D 5 -5.20 20.29 6.82
CA GLY D 5 -5.27 19.52 5.57
C GLY D 5 -4.31 20.03 4.51
N GLY D 6 -3.10 19.47 4.61
CA GLY D 6 -1.97 19.83 3.75
C GLY D 6 -1.97 19.16 2.37
N ALA D 7 -2.93 18.28 2.10
CA ALA D 7 -2.92 17.64 0.76
C ALA D 7 -4.30 17.70 0.16
N ARG D 8 -4.66 18.83 -0.41
CA ARG D 8 -6.02 18.93 -0.97
C ARG D 8 -6.07 18.95 -2.48
N VAL D 9 -7.15 18.42 -3.03
CA VAL D 9 -7.37 18.24 -4.46
C VAL D 9 -8.86 18.59 -4.76
N VAL D 10 -9.01 19.55 -5.65
CA VAL D 10 -10.31 19.89 -6.20
C VAL D 10 -10.41 19.40 -7.65
N VAL D 11 -11.44 18.63 -7.95
CA VAL D 11 -11.71 18.16 -9.30
C VAL D 11 -12.87 19.04 -9.80
N ILE D 12 -12.70 19.78 -10.88
CA ILE D 12 -13.90 20.45 -11.47
C ILE D 12 -14.34 19.46 -12.55
N GLY D 13 -15.52 18.94 -12.42
CA GLY D 13 -16.02 17.92 -13.35
C GLY D 13 -15.78 16.51 -12.74
N ALA D 14 -16.93 16.03 -12.30
CA ALA D 14 -17.18 14.80 -11.59
C ALA D 14 -18.06 13.94 -12.50
N GLY D 15 -17.55 13.73 -13.69
CA GLY D 15 -18.19 12.88 -14.71
C GLY D 15 -17.36 11.58 -14.57
N PHE D 16 -17.34 10.80 -15.62
CA PHE D 16 -16.69 9.52 -15.76
C PHE D 16 -15.21 9.60 -15.38
N VAL D 17 -14.60 10.61 -15.97
CA VAL D 17 -13.15 10.80 -15.79
C VAL D 17 -12.84 11.34 -14.39
N GLY D 18 -13.63 12.28 -13.94
CA GLY D 18 -13.51 12.93 -12.66
C GLY D 18 -13.71 11.96 -11.52
N ALA D 19 -14.82 11.28 -11.51
CA ALA D 19 -15.21 10.28 -10.52
C ALA D 19 -14.32 9.06 -10.43
N SER D 20 -13.88 8.56 -11.57
CA SER D 20 -13.03 7.36 -11.63
C SER D 20 -11.62 7.66 -11.15
N TYR D 21 -11.29 8.95 -11.26
CA TYR D 21 -10.04 9.56 -10.82
C TYR D 21 -10.00 9.62 -9.29
N VAL D 22 -11.08 10.24 -8.81
CA VAL D 22 -11.39 10.28 -7.40
C VAL D 22 -11.29 8.84 -6.86
N PHE D 23 -12.11 7.96 -7.39
CA PHE D 23 -12.13 6.59 -6.79
C PHE D 23 -10.71 6.03 -6.84
N ALA D 24 -9.96 6.48 -7.81
CA ALA D 24 -8.55 6.06 -7.98
C ALA D 24 -7.71 6.46 -6.75
N LEU D 25 -7.84 7.75 -6.44
CA LEU D 25 -7.09 8.45 -5.39
C LEU D 25 -7.29 7.70 -4.08
N MET D 26 -8.48 7.85 -3.59
CA MET D 26 -9.07 7.14 -2.49
C MET D 26 -8.69 5.67 -2.38
N ASN D 27 -9.01 4.89 -3.39
CA ASN D 27 -8.60 3.50 -3.33
C ASN D 27 -7.09 3.38 -3.23
N GLN D 28 -6.36 4.46 -3.46
CA GLN D 28 -4.89 4.41 -3.52
C GLN D 28 -4.27 5.18 -2.37
N GLY D 29 -4.99 5.82 -1.52
CA GLY D 29 -4.50 6.45 -0.28
C GLY D 29 -3.62 7.64 -0.66
N ILE D 30 -3.97 8.37 -1.73
CA ILE D 30 -3.11 9.45 -2.21
C ILE D 30 -3.41 10.80 -1.61
N ALA D 31 -4.51 11.45 -1.91
CA ALA D 31 -4.66 12.82 -1.29
C ALA D 31 -5.15 12.59 0.14
N ASP D 32 -5.41 13.69 0.79
CA ASP D 32 -5.86 13.80 2.17
C ASP D 32 -7.31 14.31 2.26
N GLU D 33 -7.52 15.48 1.67
CA GLU D 33 -8.90 16.01 1.50
C GLU D 33 -9.11 16.09 0.00
N ILE D 34 -10.25 15.64 -0.51
CA ILE D 34 -10.67 15.70 -1.88
C ILE D 34 -12.05 16.43 -1.99
N VAL D 35 -12.05 17.66 -2.45
CA VAL D 35 -13.23 18.43 -2.77
C VAL D 35 -13.67 17.95 -4.19
N LEU D 36 -14.91 18.11 -4.51
CA LEU D 36 -15.46 17.73 -5.81
C LEU D 36 -16.49 18.76 -6.22
N ILE D 37 -16.41 19.48 -7.26
CA ILE D 37 -17.19 20.50 -7.86
C ILE D 37 -17.69 20.07 -9.26
N ASP D 38 -18.92 20.43 -9.58
CA ASP D 38 -19.50 20.12 -10.91
C ASP D 38 -20.64 21.10 -11.21
N ALA D 39 -20.76 21.61 -12.42
CA ALA D 39 -21.91 22.48 -12.70
C ALA D 39 -23.18 21.72 -12.25
N ASN D 40 -23.08 20.41 -12.35
CA ASN D 40 -24.23 19.53 -12.03
C ASN D 40 -24.08 19.19 -10.56
N GLU D 41 -24.41 20.15 -9.71
CA GLU D 41 -24.18 19.97 -8.27
C GLU D 41 -24.75 18.68 -7.73
N SER D 42 -25.88 18.22 -8.20
CA SER D 42 -26.61 17.03 -7.77
C SER D 42 -25.82 15.74 -8.00
N LYS D 43 -25.07 15.70 -9.06
CA LYS D 43 -24.13 14.60 -9.40
C LYS D 43 -22.96 14.61 -8.43
N ALA D 44 -22.46 15.74 -8.01
CA ALA D 44 -21.45 15.84 -6.95
C ALA D 44 -21.85 15.36 -5.55
N ILE D 45 -23.09 15.70 -5.22
CA ILE D 45 -23.72 15.28 -3.97
C ILE D 45 -23.72 13.75 -3.98
N GLY D 46 -24.37 13.16 -4.97
CA GLY D 46 -24.40 11.70 -5.15
C GLY D 46 -23.04 11.05 -5.15
N ASP D 47 -22.09 11.57 -5.95
CA ASP D 47 -20.77 10.91 -6.00
C ASP D 47 -20.18 10.90 -4.58
N ALA D 48 -20.26 12.07 -3.98
CA ALA D 48 -19.59 12.32 -2.65
C ALA D 48 -20.22 11.46 -1.56
N MET D 49 -21.52 11.23 -1.63
CA MET D 49 -22.20 10.29 -0.73
C MET D 49 -21.53 8.94 -0.93
N ASP D 50 -21.78 8.44 -2.09
CA ASP D 50 -21.25 7.14 -2.54
C ASP D 50 -19.85 6.92 -2.03
N PHE D 51 -18.95 7.81 -2.35
CA PHE D 51 -17.53 7.73 -1.90
C PHE D 51 -17.49 7.63 -0.37
N ASN D 52 -18.17 8.53 0.35
CA ASN D 52 -18.13 8.51 1.80
C ASN D 52 -18.67 7.21 2.40
N HIS D 53 -19.61 6.51 1.81
CA HIS D 53 -20.02 5.24 2.47
C HIS D 53 -18.96 4.17 2.33
N GLY D 54 -18.09 4.16 1.33
CA GLY D 54 -17.14 3.03 1.27
C GLY D 54 -15.88 3.26 2.05
N LYS D 55 -15.56 4.52 2.24
CA LYS D 55 -14.40 5.11 2.92
C LYS D 55 -13.65 4.16 3.84
N VAL D 56 -14.33 3.82 4.94
CA VAL D 56 -13.95 2.95 6.03
C VAL D 56 -13.10 1.70 5.76
N PHE D 57 -13.33 1.23 4.58
CA PHE D 57 -12.79 0.12 3.86
C PHE D 57 -11.45 0.42 3.16
N ALA D 58 -11.31 1.72 2.84
CA ALA D 58 -10.01 2.20 2.26
C ALA D 58 -9.19 2.72 3.42
N PRO D 59 -8.03 3.34 3.11
CA PRO D 59 -7.18 3.93 4.16
C PRO D 59 -7.11 5.43 4.42
N LYS D 60 -8.19 6.18 4.52
CA LYS D 60 -8.32 7.48 5.17
C LYS D 60 -8.35 8.83 4.50
N PRO D 61 -9.33 9.18 3.68
CA PRO D 61 -9.22 10.45 2.92
C PRO D 61 -10.48 11.23 3.23
N VAL D 62 -10.56 12.45 2.78
CA VAL D 62 -11.83 13.17 3.10
C VAL D 62 -12.37 13.72 1.80
N ASP D 63 -13.69 13.79 1.74
CA ASP D 63 -14.46 13.98 0.51
C ASP D 63 -15.66 14.87 0.89
N ILE D 64 -15.78 15.93 0.19
CA ILE D 64 -16.62 17.08 0.53
C ILE D 64 -17.26 17.27 -0.86
N TRP D 65 -18.30 18.02 -0.97
CA TRP D 65 -18.51 18.73 -2.28
C TRP D 65 -18.64 20.21 -1.92
N ASP D 68 -18.67 25.81 -3.64
CA ASP D 68 -17.86 26.33 -4.66
C ASP D 68 -16.33 26.37 -4.43
N TYR D 69 -15.86 27.21 -5.39
CA TYR D 69 -14.47 27.41 -5.69
C TYR D 69 -13.73 27.90 -4.47
N ASP D 70 -14.50 28.33 -3.49
CA ASP D 70 -13.89 28.87 -2.25
C ASP D 70 -13.09 27.73 -1.64
N ASP D 71 -13.16 26.55 -2.26
CA ASP D 71 -12.35 25.45 -1.65
C ASP D 71 -10.93 25.56 -2.17
N CYS D 72 -10.76 26.32 -3.23
CA CYS D 72 -9.47 26.46 -3.94
C CYS D 72 -8.71 27.65 -3.35
N ARG D 73 -8.10 27.41 -2.21
CA ARG D 73 -7.46 28.52 -1.43
C ARG D 73 -6.80 27.87 -0.22
N ASP D 74 -5.68 27.26 -0.59
CA ASP D 74 -4.90 26.38 0.31
C ASP D 74 -5.18 24.94 -0.11
N ALA D 75 -5.72 24.94 -1.33
CA ALA D 75 -6.06 23.73 -2.08
C ALA D 75 -4.79 23.47 -2.87
N ASP D 76 -4.04 22.46 -2.53
CA ASP D 76 -2.78 22.17 -3.19
C ASP D 76 -2.85 22.06 -4.70
N LEU D 77 -3.92 21.54 -5.26
CA LEU D 77 -4.00 21.33 -6.73
C LEU D 77 -5.45 21.19 -7.18
N VAL D 78 -5.74 21.60 -8.37
CA VAL D 78 -7.03 21.64 -9.03
C VAL D 78 -7.03 20.83 -10.33
N VAL D 79 -7.80 19.77 -10.45
CA VAL D 79 -7.73 18.95 -11.68
C VAL D 79 -8.91 19.24 -12.55
N ILE D 80 -8.79 19.78 -13.75
CA ILE D 80 -10.06 20.12 -14.47
C ILE D 80 -10.46 18.99 -15.40
N CYS D 81 -11.57 18.38 -14.99
CA CYS D 81 -12.14 17.22 -15.67
C CYS D 81 -13.43 17.63 -16.38
N ALA D 82 -13.66 18.93 -16.52
CA ALA D 82 -14.90 19.50 -17.04
C ALA D 82 -14.84 19.69 -18.55
N GLY D 83 -16.01 19.55 -19.21
CA GLY D 83 -16.06 19.65 -20.65
C GLY D 83 -17.29 19.43 -21.46
N ALA D 84 -17.36 20.15 -22.58
CA ALA D 84 -18.25 19.97 -23.70
C ALA D 84 -17.90 18.61 -24.37
N LEU D 93 -13.39 22.80 -33.85
CA LEU D 93 -12.99 24.13 -33.37
C LEU D 93 -14.24 24.73 -32.70
N ASP D 94 -15.36 24.10 -32.92
CA ASP D 94 -16.62 24.49 -32.26
C ASP D 94 -16.78 23.55 -31.06
N LEU D 95 -15.58 23.23 -30.60
CA LEU D 95 -15.27 22.40 -29.45
C LEU D 95 -14.26 23.19 -28.60
N VAL D 96 -13.17 23.40 -29.30
CA VAL D 96 -12.07 24.26 -28.85
C VAL D 96 -12.67 25.59 -28.44
N ASP D 97 -13.79 25.97 -29.09
CA ASP D 97 -14.39 27.30 -28.75
C ASP D 97 -15.41 27.01 -27.61
N LYS D 98 -15.95 25.82 -27.59
CA LYS D 98 -16.93 25.52 -26.49
C LYS D 98 -16.24 25.44 -25.14
N ASN D 99 -15.27 24.56 -25.02
CA ASN D 99 -14.44 24.30 -23.87
C ASN D 99 -13.60 25.50 -23.45
N ILE D 100 -13.07 26.18 -24.48
CA ILE D 100 -12.26 27.39 -24.11
C ILE D 100 -13.21 28.26 -23.26
N ALA D 101 -14.40 28.28 -23.84
CA ALA D 101 -15.54 29.01 -23.30
C ALA D 101 -15.83 28.60 -21.87
N ILE D 102 -16.03 27.30 -21.67
CA ILE D 102 -16.32 26.63 -20.41
C ILE D 102 -15.23 27.00 -19.39
N PHE D 103 -14.03 26.62 -19.80
CA PHE D 103 -12.75 26.77 -19.19
C PHE D 103 -12.48 28.19 -18.69
N ARG D 104 -12.89 29.14 -19.54
CA ARG D 104 -12.64 30.56 -19.32
C ARG D 104 -13.33 30.97 -18.02
N SER D 105 -14.47 30.32 -17.75
CA SER D 105 -15.07 30.56 -16.42
C SER D 105 -14.46 29.75 -15.29
N ILE D 106 -13.96 28.55 -15.56
CA ILE D 106 -13.46 27.70 -14.48
C ILE D 106 -12.26 28.41 -13.84
N VAL D 107 -11.29 28.78 -14.68
CA VAL D 107 -10.00 29.23 -14.13
C VAL D 107 -10.27 30.46 -13.27
N GLU D 108 -10.85 31.44 -13.99
CA GLU D 108 -11.25 32.73 -13.45
C GLU D 108 -11.83 32.46 -12.07
N SER D 109 -12.89 31.65 -12.07
CA SER D 109 -13.60 31.36 -10.81
C SER D 109 -12.65 30.89 -9.72
N VAL D 110 -11.69 30.05 -10.00
CA VAL D 110 -10.85 29.41 -8.98
C VAL D 110 -9.73 30.38 -8.59
N MET D 111 -9.38 31.15 -9.61
CA MET D 111 -8.31 32.15 -9.52
C MET D 111 -8.85 33.22 -8.56
N ALA D 112 -10.14 33.51 -8.78
CA ALA D 112 -10.80 34.55 -7.97
C ALA D 112 -11.02 34.12 -6.54
N SER D 113 -10.42 33.04 -6.11
CA SER D 113 -10.56 32.54 -4.75
C SER D 113 -9.23 32.72 -4.03
N GLY D 114 -8.28 33.23 -4.80
CA GLY D 114 -6.89 33.41 -4.33
C GLY D 114 -6.13 32.09 -4.36
N PHE D 115 -6.41 31.31 -5.37
CA PHE D 115 -5.66 30.05 -5.58
C PHE D 115 -4.18 30.42 -5.67
N GLN D 116 -3.35 29.54 -5.18
CA GLN D 116 -1.90 29.64 -5.31
C GLN D 116 -1.27 28.32 -5.79
N GLY D 117 -1.93 27.37 -6.38
CA GLY D 117 -1.34 26.04 -6.54
C GLY D 117 -0.99 25.59 -7.91
N LEU D 118 -1.34 24.32 -8.21
CA LEU D 118 -1.10 23.79 -9.56
C LEU D 118 -2.39 23.40 -10.29
N PHE D 119 -2.40 23.47 -11.60
CA PHE D 119 -3.48 22.94 -12.44
C PHE D 119 -3.12 21.63 -13.15
N LEU D 120 -4.09 20.68 -13.13
CA LEU D 120 -3.96 19.43 -13.91
C LEU D 120 -5.13 19.41 -14.89
N VAL D 121 -4.81 19.69 -16.13
CA VAL D 121 -5.89 19.67 -17.17
C VAL D 121 -5.90 18.27 -17.79
N ALA D 122 -7.08 17.69 -17.89
CA ALA D 122 -7.27 16.42 -18.61
C ALA D 122 -8.35 16.43 -19.67
N THR D 123 -9.01 17.50 -19.94
CA THR D 123 -10.14 17.68 -20.85
C THR D 123 -9.69 17.72 -22.28
N ASN D 124 -10.37 17.14 -23.26
CA ASN D 124 -9.82 17.36 -24.67
C ASN D 124 -10.32 18.71 -25.17
N PRO D 125 -9.60 19.38 -26.05
CA PRO D 125 -8.29 18.86 -26.59
C PRO D 125 -7.20 19.33 -25.65
N VAL D 126 -6.62 18.48 -24.82
CA VAL D 126 -5.75 18.83 -23.72
C VAL D 126 -4.63 19.80 -23.95
N ASP D 127 -3.82 19.69 -24.98
CA ASP D 127 -2.59 20.53 -25.10
C ASP D 127 -3.10 21.96 -25.22
N ILE D 128 -4.25 22.04 -25.86
CA ILE D 128 -4.85 23.32 -26.20
C ILE D 128 -5.52 23.91 -24.94
N LEU D 129 -6.27 23.04 -24.27
CA LEU D 129 -7.02 23.50 -23.08
C LEU D 129 -6.00 23.74 -21.98
N THR D 130 -4.87 23.03 -22.15
CA THR D 130 -3.78 23.26 -21.20
C THR D 130 -3.17 24.62 -21.48
N TYR D 131 -3.09 25.01 -22.74
CA TYR D 131 -2.42 26.31 -23.03
C TYR D 131 -3.27 27.45 -22.47
N ALA D 132 -4.58 27.26 -22.65
CA ALA D 132 -5.66 28.20 -22.41
C ALA D 132 -5.80 28.46 -20.91
N THR D 133 -5.46 27.39 -20.19
CA THR D 133 -5.64 27.34 -18.73
C THR D 133 -4.54 28.20 -18.18
N TRP D 134 -3.44 28.25 -18.86
CA TRP D 134 -2.27 29.05 -18.48
C TRP D 134 -2.50 30.52 -18.74
N LYS D 135 -2.89 30.77 -20.00
CA LYS D 135 -3.20 32.15 -20.42
C LYS D 135 -4.23 32.69 -19.43
N PHE D 136 -5.30 31.92 -19.23
CA PHE D 136 -6.31 32.31 -18.25
C PHE D 136 -5.80 32.25 -16.82
N SER D 137 -4.76 31.56 -16.49
CA SER D 137 -4.45 31.37 -15.05
C SER D 137 -3.70 32.62 -14.58
N GLY D 138 -2.77 32.98 -15.45
CA GLY D 138 -1.74 34.01 -15.14
C GLY D 138 -0.45 33.21 -14.82
N LEU D 139 -0.71 32.16 -14.06
CA LEU D 139 0.31 31.26 -13.60
C LEU D 139 1.46 30.92 -14.54
N PRO D 140 2.63 30.90 -13.92
CA PRO D 140 3.82 30.33 -14.56
C PRO D 140 3.47 28.98 -15.17
N HIS D 141 3.99 28.74 -16.35
CA HIS D 141 3.85 27.54 -17.14
C HIS D 141 4.57 26.36 -16.53
N GLU D 142 5.07 26.43 -15.30
CA GLU D 142 5.73 25.22 -14.70
C GLU D 142 4.70 24.64 -13.71
N ARG D 143 3.67 25.47 -13.51
CA ARG D 143 2.60 25.11 -12.57
C ARG D 143 1.27 24.80 -13.28
N VAL D 144 1.27 24.85 -14.61
CA VAL D 144 0.09 24.43 -15.36
C VAL D 144 0.50 23.25 -16.25
N ILE D 145 0.07 22.09 -15.84
CA ILE D 145 0.33 20.79 -16.38
C ILE D 145 -0.86 20.20 -17.13
N GLY D 146 -0.55 19.79 -18.39
CA GLY D 146 -1.38 18.91 -19.15
C GLY D 146 -1.15 17.42 -18.88
N SER D 147 -2.29 16.74 -18.97
CA SER D 147 -2.41 15.25 -19.00
C SER D 147 -1.53 14.68 -20.10
N GLY D 148 -1.53 15.32 -21.27
CA GLY D 148 -0.80 15.05 -22.45
C GLY D 148 -0.64 13.63 -22.95
N THR D 149 0.54 13.17 -23.26
CA THR D 149 0.63 11.85 -23.94
C THR D 149 0.85 10.74 -22.92
N ILE D 150 0.35 10.95 -21.70
CA ILE D 150 0.65 10.00 -20.60
C ILE D 150 -0.03 8.68 -20.87
N LEU D 151 -1.26 8.72 -21.19
CA LEU D 151 -2.03 7.45 -21.39
C LEU D 151 -1.47 6.74 -22.61
N ASP D 152 -1.06 7.50 -23.57
CA ASP D 152 -0.56 7.05 -24.87
C ASP D 152 0.66 6.11 -24.70
N THR D 153 1.68 6.55 -24.03
CA THR D 153 2.89 5.99 -23.51
C THR D 153 2.62 4.76 -22.67
N ALA D 154 1.54 4.80 -21.89
CA ALA D 154 1.08 3.63 -21.11
C ALA D 154 0.52 2.55 -22.04
N ARG D 155 -0.21 2.97 -23.04
CA ARG D 155 -0.95 2.08 -23.92
C ARG D 155 0.13 1.35 -24.72
N PHE D 156 1.23 2.11 -24.82
CA PHE D 156 2.33 1.77 -25.76
C PHE D 156 3.18 0.75 -25.00
N ARG D 157 3.60 1.25 -23.84
CA ARG D 157 4.35 0.42 -22.87
C ARG D 157 3.68 -0.90 -22.59
N PHE D 158 2.41 -0.90 -22.28
CA PHE D 158 1.53 -2.05 -22.26
C PHE D 158 1.59 -2.93 -23.50
N LEU D 159 1.11 -2.64 -24.66
CA LEU D 159 1.21 -3.43 -25.86
C LEU D 159 2.60 -4.03 -26.05
N LEU D 160 3.64 -3.26 -25.91
CA LEU D 160 5.00 -3.74 -26.14
C LEU D 160 5.35 -4.86 -25.15
N GLY D 161 5.11 -4.51 -23.90
CA GLY D 161 5.50 -5.29 -22.74
C GLY D 161 4.79 -6.65 -22.84
N GLU D 162 3.63 -6.50 -23.42
CA GLU D 162 2.63 -7.55 -23.68
C GLU D 162 3.19 -8.54 -24.70
N TYR D 163 3.77 -7.95 -25.69
CA TYR D 163 4.47 -8.51 -26.81
C TYR D 163 5.67 -9.35 -26.34
N PHE D 164 6.59 -8.63 -25.71
CA PHE D 164 7.85 -9.11 -25.19
C PHE D 164 7.70 -10.00 -23.95
N SER D 165 6.53 -9.91 -23.35
CA SER D 165 6.26 -10.86 -22.23
C SER D 165 6.83 -10.39 -20.91
N VAL D 166 7.59 -9.31 -20.91
CA VAL D 166 8.09 -8.69 -19.67
C VAL D 166 6.90 -7.88 -19.15
N ALA D 167 7.20 -6.95 -18.27
CA ALA D 167 6.19 -6.05 -17.66
C ALA D 167 6.34 -4.67 -18.27
N PRO D 168 5.25 -3.97 -18.49
CA PRO D 168 5.27 -2.61 -19.06
C PRO D 168 6.26 -1.68 -18.36
N GLN D 169 6.50 -1.99 -17.11
CA GLN D 169 7.36 -1.38 -16.15
C GLN D 169 8.82 -1.57 -16.49
N ASN D 170 9.19 -2.50 -17.36
CA ASN D 170 10.58 -2.61 -17.85
C ASN D 170 10.69 -2.05 -19.28
N VAL D 171 9.52 -1.81 -19.91
CA VAL D 171 9.56 -1.16 -21.25
C VAL D 171 9.84 0.33 -21.06
N HIS D 172 10.85 0.81 -21.80
CA HIS D 172 11.08 2.27 -21.77
C HIS D 172 10.94 2.80 -23.19
N ALA D 173 9.73 3.31 -23.48
CA ALA D 173 9.39 3.95 -24.76
C ALA D 173 8.39 5.10 -24.56
N TYR D 174 8.59 6.30 -25.10
CA TYR D 174 7.73 7.45 -25.05
C TYR D 174 6.90 7.72 -26.31
N ILE D 175 5.71 8.26 -26.09
CA ILE D 175 4.85 8.84 -27.17
C ILE D 175 4.87 10.35 -26.89
N ILE D 176 5.23 11.15 -27.84
CA ILE D 176 5.51 12.59 -27.64
C ILE D 176 4.65 13.26 -28.68
N GLY D 177 4.51 14.55 -28.67
CA GLY D 177 3.68 15.24 -29.69
C GLY D 177 2.26 15.44 -29.25
N GLU D 178 1.35 15.65 -30.20
CA GLU D 178 -0.06 15.96 -29.83
C GLU D 178 -0.66 14.64 -29.31
N HIS D 179 -1.28 14.84 -28.11
CA HIS D 179 -2.08 13.68 -27.61
C HIS D 179 -3.29 13.67 -28.56
N GLY D 180 -3.14 12.97 -29.63
CA GLY D 180 -4.16 12.92 -30.67
C GLY D 180 -3.53 12.21 -31.89
N ASP D 181 -4.04 12.67 -33.05
CA ASP D 181 -3.63 12.15 -34.33
C ASP D 181 -2.16 12.37 -34.67
N THR D 182 -1.68 13.58 -34.34
CA THR D 182 -0.36 13.98 -34.81
C THR D 182 0.78 13.40 -33.98
N GLU D 183 0.49 12.70 -32.93
CA GLU D 183 1.58 12.28 -32.00
C GLU D 183 2.47 11.24 -32.70
N LEU D 184 3.66 11.09 -32.17
CA LEU D 184 4.62 10.11 -32.69
C LEU D 184 5.32 9.33 -31.59
N PRO D 185 5.62 8.09 -31.91
CA PRO D 185 6.42 7.21 -31.04
C PRO D 185 7.89 7.51 -31.33
N VAL D 186 8.61 7.79 -30.27
CA VAL D 186 10.10 7.96 -30.30
C VAL D 186 10.66 6.53 -30.31
N TRP D 187 10.73 5.92 -31.47
CA TRP D 187 11.33 4.57 -31.62
C TRP D 187 12.85 4.60 -31.42
N SER D 188 13.52 5.58 -31.99
CA SER D 188 14.97 5.72 -31.97
C SER D 188 15.47 5.48 -30.55
N GLN D 189 14.74 6.00 -29.57
CA GLN D 189 15.17 5.83 -28.15
C GLN D 189 14.22 4.96 -27.34
N ALA D 190 14.03 3.69 -27.65
CA ALA D 190 12.97 2.92 -26.97
C ALA D 190 13.54 1.61 -26.49
N TYR D 191 13.58 1.35 -25.19
CA TYR D 191 14.36 0.19 -24.72
C TYR D 191 13.48 -0.78 -23.95
N ILE D 192 14.05 -1.92 -23.64
CA ILE D 192 13.47 -2.86 -22.66
C ILE D 192 14.64 -3.06 -21.70
N GLY D 193 14.55 -2.26 -20.67
CA GLY D 193 15.64 -2.19 -19.62
C GLY D 193 16.62 -1.27 -20.40
N VAL D 194 17.66 -1.90 -20.82
CA VAL D 194 18.78 -1.23 -21.52
C VAL D 194 19.04 -1.81 -22.91
N MET D 195 18.26 -2.82 -23.30
CA MET D 195 18.38 -3.39 -24.63
C MET D 195 17.50 -2.62 -25.61
N PRO D 196 18.14 -1.89 -26.50
CA PRO D 196 17.41 -1.19 -27.58
C PRO D 196 16.57 -2.15 -28.36
N ILE D 197 15.72 -1.63 -29.22
CA ILE D 197 14.91 -2.53 -30.14
C ILE D 197 15.56 -2.74 -31.50
N ARG D 198 16.60 -3.51 -31.47
CA ARG D 198 17.69 -4.24 -31.93
C ARG D 198 17.47 -5.75 -31.58
N LYS D 199 16.32 -5.93 -30.94
CA LYS D 199 15.73 -7.23 -30.65
C LYS D 199 14.86 -7.67 -31.83
N LEU D 200 14.64 -6.72 -32.71
CA LEU D 200 13.85 -6.84 -33.91
C LEU D 200 14.37 -5.79 -34.89
N VAL D 201 14.28 -6.00 -36.17
CA VAL D 201 14.87 -5.05 -37.12
C VAL D 201 13.94 -4.65 -38.26
N GLU D 202 14.04 -3.35 -38.55
CA GLU D 202 13.04 -2.60 -39.32
C GLU D 202 12.65 -1.44 -38.37
N SER D 203 12.36 -1.94 -37.15
CA SER D 203 12.11 -1.20 -35.95
C SER D 203 11.96 0.32 -36.14
N LYS D 204 13.07 1.01 -35.94
CA LYS D 204 13.06 2.48 -35.98
C LYS D 204 12.18 2.98 -37.12
N ASP D 211 4.75 -5.42 -37.54
CA ASP D 211 4.43 -6.12 -36.30
C ASP D 211 4.41 -5.12 -35.12
N LEU D 212 5.22 -4.09 -35.28
CA LEU D 212 5.54 -3.04 -34.38
C LEU D 212 5.02 -1.69 -34.89
N GLU D 213 5.01 -1.41 -36.17
CA GLU D 213 4.34 -0.11 -36.52
C GLU D 213 2.83 -0.39 -36.47
N ARG D 214 2.58 -1.55 -35.87
CA ARG D 214 1.28 -2.18 -35.67
C ARG D 214 0.83 -1.84 -34.23
N ILE D 215 1.80 -2.18 -33.38
CA ILE D 215 1.72 -1.90 -31.99
C ILE D 215 1.36 -0.44 -31.80
N PHE D 216 2.09 0.41 -32.51
CA PHE D 216 1.91 1.87 -32.43
C PHE D 216 0.60 2.31 -33.08
N VAL D 217 0.09 1.62 -34.08
CA VAL D 217 -1.23 2.02 -34.66
C VAL D 217 -2.39 1.76 -33.71
N ASN D 218 -2.26 0.79 -32.85
CA ASN D 218 -3.26 0.43 -31.83
C ASN D 218 -3.18 1.40 -30.67
N VAL D 219 -1.91 1.60 -30.31
CA VAL D 219 -1.59 2.64 -29.33
C VAL D 219 -2.32 3.94 -29.73
N ARG D 220 -2.48 4.15 -31.02
CA ARG D 220 -3.00 5.42 -31.53
C ARG D 220 -4.46 5.40 -31.90
N ASP D 221 -5.02 4.25 -32.19
CA ASP D 221 -6.43 4.11 -32.52
C ASP D 221 -7.19 3.55 -31.34
N ALA D 222 -6.54 3.54 -30.18
CA ALA D 222 -7.12 2.94 -28.95
C ALA D 222 -8.40 3.60 -28.46
N ALA D 223 -8.47 4.92 -28.49
CA ALA D 223 -9.62 5.66 -27.94
C ALA D 223 -10.91 5.27 -28.68
N TYR D 224 -10.76 5.47 -30.00
CA TYR D 224 -11.83 5.11 -30.94
C TYR D 224 -12.42 3.72 -30.68
N GLN D 225 -11.54 2.78 -30.44
CA GLN D 225 -11.86 1.33 -30.33
C GLN D 225 -12.46 0.98 -29.00
N ILE D 226 -12.07 1.65 -27.95
CA ILE D 226 -12.62 1.53 -26.59
C ILE D 226 -13.98 2.22 -26.38
N ILE D 227 -14.21 3.26 -27.18
CA ILE D 227 -15.36 4.15 -27.08
C ILE D 227 -16.59 3.49 -27.72
N GLU D 228 -16.19 2.75 -28.75
CA GLU D 228 -16.99 2.05 -29.72
C GLU D 228 -17.55 0.76 -29.15
N LYS D 229 -16.91 0.22 -28.11
CA LYS D 229 -17.59 -0.92 -27.45
C LYS D 229 -17.98 -0.55 -26.03
N LYS D 230 -17.85 0.71 -25.67
CA LYS D 230 -18.18 1.07 -24.28
C LYS D 230 -18.57 2.51 -24.07
N GLY D 231 -18.48 3.29 -25.13
CA GLY D 231 -18.90 4.70 -25.07
C GLY D 231 -17.83 5.69 -24.62
N ALA D 232 -16.67 5.23 -24.13
CA ALA D 232 -15.75 6.19 -23.52
C ALA D 232 -14.61 5.52 -22.81
N THR D 233 -13.51 6.26 -22.75
CA THR D 233 -12.36 5.94 -21.89
C THR D 233 -12.43 6.80 -20.62
N TYR D 234 -12.30 6.13 -19.46
CA TYR D 234 -12.27 6.85 -18.18
C TYR D 234 -11.38 6.17 -17.16
N TYR D 235 -11.30 4.85 -17.10
CA TYR D 235 -10.33 4.22 -16.17
C TYR D 235 -8.88 4.54 -16.44
N GLY D 236 -8.41 4.41 -17.67
CA GLY D 236 -7.08 4.65 -18.18
C GLY D 236 -6.53 6.00 -17.73
N ILE D 237 -7.25 7.03 -18.22
CA ILE D 237 -6.79 8.39 -17.86
C ILE D 237 -6.58 8.59 -16.36
N ALA D 238 -7.57 8.43 -15.51
CA ALA D 238 -7.49 8.39 -14.06
C ALA D 238 -6.29 7.60 -13.53
N MET D 239 -5.91 6.50 -14.17
CA MET D 239 -4.71 5.84 -13.62
C MET D 239 -3.56 6.85 -13.78
N GLY D 240 -3.55 7.40 -15.00
CA GLY D 240 -2.42 8.24 -15.48
C GLY D 240 -2.35 9.55 -14.70
N LEU D 241 -3.51 10.05 -14.48
CA LEU D 241 -3.93 11.25 -13.80
C LEU D 241 -3.71 11.08 -12.31
N ALA D 242 -3.72 9.81 -11.89
CA ALA D 242 -3.41 9.60 -10.46
C ALA D 242 -1.92 9.44 -10.35
N ARG D 243 -1.15 9.23 -11.37
CA ARG D 243 0.31 9.02 -11.30
C ARG D 243 0.98 10.38 -11.07
N VAL D 244 0.73 11.33 -11.95
CA VAL D 244 1.15 12.71 -11.87
C VAL D 244 0.79 13.30 -10.49
N THR D 245 -0.46 12.97 -10.09
CA THR D 245 -0.92 13.43 -8.77
C THR D 245 0.11 12.95 -7.76
N ARG D 246 0.42 11.69 -7.85
CA ARG D 246 1.35 11.07 -6.92
C ARG D 246 2.69 11.78 -7.01
N ALA D 247 3.20 11.98 -8.20
CA ALA D 247 4.44 12.73 -8.50
C ALA D 247 4.44 14.13 -7.88
N ILE D 248 3.35 14.84 -8.15
CA ILE D 248 3.30 16.23 -7.65
C ILE D 248 3.46 16.16 -6.13
N LEU D 249 2.47 15.52 -5.54
CA LEU D 249 2.25 15.56 -4.08
C LEU D 249 3.39 15.02 -3.26
N HIS D 250 4.25 14.20 -3.85
CA HIS D 250 5.24 13.42 -3.13
C HIS D 250 6.65 13.80 -3.55
N ASN D 251 6.70 14.85 -4.32
CA ASN D 251 7.97 15.51 -4.75
C ASN D 251 8.84 14.52 -5.50
N GLU D 252 8.19 13.62 -6.24
CA GLU D 252 8.89 12.44 -6.76
C GLU D 252 10.10 12.84 -7.60
N ASN D 253 10.12 13.95 -8.27
CA ASN D 253 11.15 14.28 -9.28
C ASN D 253 11.17 13.16 -10.33
N ALA D 254 9.99 12.81 -10.83
CA ALA D 254 9.85 11.76 -11.84
C ALA D 254 9.70 12.26 -13.26
N ILE D 255 10.08 11.39 -14.20
CA ILE D 255 10.06 11.81 -15.61
C ILE D 255 8.80 11.16 -16.25
N LEU D 256 7.73 11.94 -16.22
CA LEU D 256 6.49 11.60 -16.93
C LEU D 256 6.37 12.41 -18.21
N THR D 257 5.74 11.71 -19.18
CA THR D 257 5.47 12.39 -20.46
C THR D 257 4.18 13.19 -20.45
N VAL D 258 4.33 14.41 -20.00
CA VAL D 258 3.25 15.38 -19.84
C VAL D 258 3.11 16.26 -21.09
N SER D 259 2.32 17.28 -20.91
CA SER D 259 1.85 18.39 -21.66
C SER D 259 2.40 19.70 -21.07
N ALA D 260 3.62 19.96 -21.52
CA ALA D 260 4.51 21.00 -21.07
C ALA D 260 4.59 22.10 -22.11
N TYR D 261 4.95 23.28 -21.61
CA TYR D 261 5.24 24.45 -22.43
C TYR D 261 6.64 24.44 -23.05
N LEU D 262 6.66 24.38 -24.40
CA LEU D 262 7.94 24.39 -25.11
C LEU D 262 8.49 25.83 -25.28
N ASP D 263 9.60 25.83 -24.63
CA ASP D 263 10.59 26.79 -24.27
C ASP D 263 11.31 27.46 -25.44
N GLY D 264 11.54 26.68 -26.48
CA GLY D 264 12.39 26.87 -27.63
C GLY D 264 13.11 25.50 -27.84
N LEU D 265 12.73 24.62 -26.92
CA LEU D 265 13.31 23.22 -26.86
C LEU D 265 12.60 22.41 -27.92
N TYR D 266 13.34 21.54 -28.55
CA TYR D 266 12.81 20.83 -29.75
C TYR D 266 12.66 21.94 -30.82
N GLY D 267 13.09 23.10 -30.35
CA GLY D 267 13.20 24.27 -31.27
C GLY D 267 11.76 24.66 -31.64
N GLU D 268 10.89 24.60 -30.64
CA GLU D 268 9.50 25.07 -30.82
C GLU D 268 9.26 26.16 -29.78
N ARG D 269 8.27 27.01 -29.92
CA ARG D 269 8.39 28.26 -29.16
C ARG D 269 7.18 28.81 -28.50
N ASP D 270 5.98 28.33 -28.69
CA ASP D 270 4.81 28.92 -27.95
C ASP D 270 3.65 28.00 -28.24
N VAL D 271 3.78 26.78 -27.76
CA VAL D 271 2.90 25.63 -27.95
C VAL D 271 2.99 24.85 -26.66
N TYR D 272 1.88 24.31 -26.19
CA TYR D 272 2.07 23.34 -25.02
C TYR D 272 2.13 21.99 -25.76
N ILE D 273 2.89 21.03 -25.31
CA ILE D 273 2.90 19.78 -26.08
C ILE D 273 3.54 18.64 -25.31
N GLY D 274 3.16 17.40 -25.63
CA GLY D 274 3.50 16.17 -25.01
C GLY D 274 4.99 15.83 -25.09
N VAL D 275 5.59 15.85 -23.93
CA VAL D 275 7.06 15.85 -23.77
C VAL D 275 7.38 15.20 -22.43
N PRO D 276 8.56 14.59 -22.32
CA PRO D 276 9.12 14.20 -21.03
C PRO D 276 9.35 15.43 -20.16
N ALA D 277 8.78 15.47 -18.96
CA ALA D 277 9.12 16.61 -18.08
C ALA D 277 9.46 15.97 -16.75
N VAL D 278 10.06 16.67 -15.83
CA VAL D 278 10.33 16.20 -14.50
C VAL D 278 9.32 16.86 -13.53
N ILE D 279 8.57 15.97 -12.90
CA ILE D 279 7.40 16.45 -12.08
C ILE D 279 7.91 16.47 -10.68
N ASN D 280 7.33 17.22 -9.82
CA ASN D 280 7.62 17.13 -8.36
C ASN D 280 6.75 18.25 -7.77
N ARG D 281 6.85 18.46 -6.48
CA ARG D 281 5.82 19.10 -5.68
C ARG D 281 5.63 20.55 -6.01
N ASN D 282 6.42 21.05 -6.95
CA ASN D 282 6.26 22.48 -7.29
C ASN D 282 5.91 22.71 -8.74
N GLY D 283 5.31 21.81 -9.44
CA GLY D 283 4.90 21.97 -10.87
C GLY D 283 5.82 21.07 -11.72
N ILE D 284 6.38 21.62 -12.76
CA ILE D 284 7.43 21.02 -13.58
C ILE D 284 8.79 21.61 -13.13
N ARG D 285 9.74 20.71 -13.13
CA ARG D 285 11.13 21.09 -12.88
C ARG D 285 11.74 21.54 -14.20
N GLU D 286 11.71 20.68 -15.21
CA GLU D 286 12.44 20.97 -16.45
C GLU D 286 11.96 19.98 -17.49
N VAL D 287 11.89 20.37 -18.70
CA VAL D 287 11.60 19.54 -19.89
C VAL D 287 12.88 18.85 -20.29
N ILE D 288 12.80 17.76 -20.95
CA ILE D 288 13.97 16.97 -21.44
C ILE D 288 13.88 17.02 -22.95
N GLU D 289 15.02 17.11 -23.61
CA GLU D 289 15.04 16.96 -25.08
C GLU D 289 15.56 15.57 -25.41
N ILE D 290 14.73 14.56 -25.50
CA ILE D 290 15.29 13.23 -25.93
C ILE D 290 15.99 13.54 -27.24
N GLU D 291 17.06 12.83 -27.54
CA GLU D 291 17.75 13.14 -28.85
C GLU D 291 16.98 12.48 -29.98
N LEU D 292 16.02 13.26 -30.48
CA LEU D 292 15.08 12.78 -31.49
C LEU D 292 15.88 12.67 -32.82
N ASN D 293 15.49 11.67 -33.51
CA ASN D 293 15.96 11.14 -34.76
C ASN D 293 15.59 12.10 -35.88
N ASP D 294 15.97 11.79 -37.10
CA ASP D 294 15.64 12.56 -38.28
C ASP D 294 14.12 12.62 -38.47
N ASP D 295 13.54 11.47 -38.67
CA ASP D 295 12.11 11.55 -39.12
C ASP D 295 11.26 12.05 -37.95
N GLU D 296 11.82 11.98 -36.76
CA GLU D 296 11.01 12.33 -35.57
C GLU D 296 10.94 13.82 -35.51
N LYS D 297 12.06 14.50 -35.72
CA LYS D 297 12.08 15.98 -35.61
C LYS D 297 11.02 16.58 -36.52
N ASN D 298 10.76 15.87 -37.59
CA ASN D 298 9.90 16.28 -38.70
C ASN D 298 8.44 16.00 -38.34
N ARG D 299 8.27 14.92 -37.59
CA ARG D 299 6.97 14.46 -37.09
C ARG D 299 6.57 15.40 -35.94
N PHE D 300 7.54 15.52 -35.06
CA PHE D 300 7.38 16.42 -33.91
C PHE D 300 7.01 17.81 -34.44
N HIS D 301 7.72 18.21 -35.48
CA HIS D 301 7.59 19.62 -35.95
C HIS D 301 6.19 19.89 -36.48
N HIS D 302 5.66 18.96 -37.22
CA HIS D 302 4.37 18.92 -37.89
C HIS D 302 3.17 18.99 -36.92
N SER D 303 3.37 18.20 -35.88
CA SER D 303 2.56 17.95 -34.74
C SER D 303 2.42 19.24 -33.92
N ALA D 304 3.58 19.81 -33.65
CA ALA D 304 3.61 21.02 -32.79
C ALA D 304 2.92 22.11 -33.58
N ALA D 305 3.16 22.03 -34.87
CA ALA D 305 2.60 23.02 -35.83
C ALA D 305 1.11 22.81 -35.99
N THR D 306 0.60 21.61 -35.74
CA THR D 306 -0.87 21.39 -35.92
C THR D 306 -1.56 22.13 -34.79
N LEU D 307 -0.83 22.14 -33.66
CA LEU D 307 -1.37 22.78 -32.45
C LEU D 307 -1.21 24.29 -32.56
N LYS D 308 0.00 24.70 -32.86
CA LYS D 308 0.33 26.17 -32.78
C LYS D 308 -0.69 26.88 -33.65
N SER D 309 -1.39 26.11 -34.47
CA SER D 309 -2.39 26.59 -35.43
C SER D 309 -3.76 26.87 -34.84
N VAL D 310 -4.30 25.77 -34.32
CA VAL D 310 -5.57 25.72 -33.61
C VAL D 310 -5.54 26.80 -32.52
N LEU D 311 -4.32 27.09 -32.12
CA LEU D 311 -4.03 28.06 -31.06
C LEU D 311 -4.31 29.50 -31.50
N ALA D 312 -3.89 29.83 -32.70
CA ALA D 312 -4.14 31.18 -33.26
C ALA D 312 -5.47 31.21 -34.00
N ARG D 313 -5.85 30.06 -34.56
CA ARG D 313 -7.17 29.95 -35.18
C ARG D 313 -8.22 30.33 -34.12
N ALA D 314 -8.34 29.41 -33.18
CA ALA D 314 -9.32 29.51 -32.11
C ALA D 314 -9.04 30.71 -31.20
N PHE D 315 -9.29 30.40 -29.94
CA PHE D 315 -9.09 31.30 -28.81
C PHE D 315 -10.42 32.00 -28.50
N THR D 316 -10.44 33.25 -28.90
CA THR D 316 -11.63 34.09 -28.58
C THR D 316 -12.28 33.54 -27.30
N ARG D 317 -13.33 32.78 -27.56
CA ARG D 317 -14.06 32.00 -26.56
C ARG D 317 -13.97 30.50 -26.89
#